data_5FU0
#
_entry.id   5FU0
#
_cell.length_a   64.150
_cell.length_b   154.350
_cell.length_c   134.800
_cell.angle_alpha   90.00
_cell.angle_beta   92.41
_cell.angle_gamma   90.00
#
_symmetry.space_group_name_H-M   'C 1 2 1'
#
loop_
_entity.id
_entity.type
_entity.pdbx_description
1 polymer 'GLUCOSE-1-PHOSPHATE THYMIDYLYLTRANSFERASE'
2 non-polymer N-(6-AMINO-1-(3-METHYLBENZYL)-2,4-DIOXO-1,2,3,4-TETRAHYDROPYRIMIDIN-5-YL)-N-METHYLBENZENESULFONAMIDE
3 non-polymer '2-(N-MORPHOLINO)-ETHANESULFONIC ACID'
4 non-polymer 'CHLORIDE ION'
5 water water
#
_entity_poly.entity_id   1
_entity_poly.type   'polypeptide(L)'
_entity_poly.pdbx_seq_one_letter_code
;HHHHHHGSMAMKRKGIILAGGSGTRLHPATLAISKQLLPVYDKPMIYYPLSTLMLAGIREILIISTPQDTPRFQQLLGDG
SNWGLDLQYAVQPSPDGLAQAFLIGESFIGNDLSALVLGDNLYYGHDFHELLGSASQRQTGASVFAYHVLDPERYGVVEF
DQGGKAISLEEKPLEPKSNYAVTGLYFYDQQVVDIARDLKPSPRGELEITDVNRAYLERGQLSVEIMGRGYAWLDTGTHD
SLLEAGQFIATLENRQGLKVACPEEIAYRQKWIDAAQLEKLAAPLAKNGYGQYLKRLLTETVY
;
_entity_poly.pdbx_strand_id   A,B,C,D
#
# COMPACT_ATOMS: atom_id res chain seq x y z
N HIS A 3 -24.29 -16.55 23.38
CA HIS A 3 -24.14 -17.93 22.80
C HIS A 3 -23.41 -17.90 21.46
N HIS A 4 -22.37 -18.72 21.36
CA HIS A 4 -21.66 -18.97 20.09
C HIS A 4 -22.08 -20.33 19.54
N HIS A 5 -21.89 -20.50 18.24
CA HIS A 5 -22.28 -21.71 17.53
C HIS A 5 -21.10 -22.19 16.69
N HIS A 6 -20.96 -23.51 16.53
CA HIS A 6 -19.83 -24.11 15.79
C HIS A 6 -20.15 -24.34 14.32
N LYS A 12 -9.73 -23.18 10.04
CA LYS A 12 -8.99 -22.21 9.21
C LYS A 12 -7.79 -21.64 9.97
N ARG A 13 -6.66 -21.56 9.28
CA ARG A 13 -5.46 -20.97 9.86
C ARG A 13 -5.04 -19.78 9.02
N LYS A 14 -4.85 -18.64 9.67
CA LYS A 14 -4.38 -17.42 8.99
C LYS A 14 -2.88 -17.25 9.16
N GLY A 15 -2.27 -16.52 8.23
CA GLY A 15 -0.82 -16.29 8.26
C GLY A 15 -0.44 -14.87 8.63
N ILE A 16 0.70 -14.74 9.30
CA ILE A 16 1.32 -13.44 9.53
C ILE A 16 2.80 -13.50 9.11
N ILE A 17 3.23 -12.51 8.31
CA ILE A 17 4.65 -12.32 7.99
C ILE A 17 5.12 -11.05 8.69
N LEU A 18 6.06 -11.20 9.61
CA LEU A 18 6.63 -10.04 10.27
C LEU A 18 7.83 -9.60 9.43
N ALA A 19 7.68 -8.44 8.80
CA ALA A 19 8.68 -7.88 7.88
C ALA A 19 8.93 -6.42 8.24
N GLY A 20 9.22 -6.20 9.52
CA GLY A 20 9.43 -4.87 10.07
C GLY A 20 10.85 -4.41 9.86
N GLY A 21 11.30 -3.51 10.74
CA GLY A 21 12.66 -2.98 10.65
C GLY A 21 13.66 -3.97 11.21
N SER A 22 14.78 -4.20 10.51
CA SER A 22 15.97 -4.85 11.12
C SER A 22 16.86 -3.81 11.83
N GLY A 23 16.23 -2.77 12.41
CA GLY A 23 16.94 -1.63 12.97
C GLY A 23 18.01 -1.03 12.07
N THR A 24 19.17 -0.71 12.66
CA THR A 24 20.34 -0.20 11.94
C THR A 24 21.40 -1.28 11.70
N ARG A 25 21.05 -2.54 12.00
CA ARG A 25 22.02 -3.63 12.03
C ARG A 25 22.74 -3.85 10.69
N LEU A 26 22.02 -3.70 9.57
CA LEU A 26 22.60 -3.90 8.23
C LEU A 26 22.81 -2.59 7.46
N HIS A 27 22.73 -1.45 8.13
CA HIS A 27 23.05 -0.16 7.54
C HIS A 27 24.53 -0.16 7.15
N PRO A 28 24.90 0.45 6.03
CA PRO A 28 24.07 1.30 5.18
C PRO A 28 23.28 0.58 4.07
N ALA A 29 23.54 -0.71 3.85
CA ALA A 29 22.81 -1.52 2.85
C ALA A 29 21.29 -1.42 2.95
N THR A 30 20.78 -1.30 4.16
CA THR A 30 19.33 -1.20 4.40
C THR A 30 18.82 0.20 4.70
N LEU A 31 19.62 1.24 4.45
CA LEU A 31 19.13 2.61 4.61
C LEU A 31 18.00 2.96 3.64
N ALA A 32 18.09 2.51 2.40
CA ALA A 32 17.13 2.92 1.37
C ALA A 32 15.84 2.10 1.36
N ILE A 33 15.91 0.87 1.88
CA ILE A 33 14.83 -0.13 1.78
C ILE A 33 14.93 -1.16 2.88
N SER A 34 13.78 -1.74 3.22
CA SER A 34 13.73 -2.78 4.23
C SER A 34 14.43 -4.06 3.75
N LYS A 35 15.09 -4.72 4.70
CA LYS A 35 15.74 -6.02 4.49
C LYS A 35 14.89 -7.01 3.71
N GLN A 36 13.58 -7.05 4.01
CA GLN A 36 12.73 -8.11 3.48
C GLN A 36 12.33 -7.85 2.02
N LEU A 37 12.70 -6.69 1.49
CA LEU A 37 12.57 -6.41 0.07
C LEU A 37 13.88 -6.55 -0.69
N LEU A 38 15.00 -6.82 -0.02
CA LEU A 38 16.26 -7.09 -0.71
C LEU A 38 16.10 -8.43 -1.43
N PRO A 39 16.70 -8.57 -2.62
CA PRO A 39 16.59 -9.86 -3.29
C PRO A 39 17.47 -10.92 -2.66
N VAL A 40 16.98 -12.15 -2.66
CA VAL A 40 17.83 -13.31 -2.49
C VAL A 40 17.84 -13.97 -3.87
N TYR A 41 18.97 -13.85 -4.54
CA TYR A 41 19.14 -14.20 -5.95
C TYR A 41 18.16 -13.46 -6.86
N ASP A 42 17.08 -14.08 -7.29
CA ASP A 42 16.24 -13.58 -8.38
C ASP A 42 14.87 -13.05 -7.90
N LYS A 43 14.63 -13.04 -6.59
CA LYS A 43 13.32 -12.63 -6.10
C LYS A 43 13.42 -11.95 -4.74
N PRO A 44 12.46 -11.06 -4.43
CA PRO A 44 12.52 -10.38 -3.13
C PRO A 44 12.49 -11.37 -1.99
N MET A 45 13.20 -11.04 -0.92
CA MET A 45 13.35 -11.95 0.22
C MET A 45 12.01 -12.42 0.74
N ILE A 46 11.01 -11.52 0.78
CA ILE A 46 9.69 -11.88 1.31
C ILE A 46 8.94 -12.97 0.52
N TYR A 47 9.30 -13.18 -0.75
CA TYR A 47 8.76 -14.32 -1.52
C TYR A 47 8.98 -15.67 -0.82
N TYR A 48 10.11 -15.82 -0.16
CA TYR A 48 10.46 -17.11 0.47
C TYR A 48 9.54 -17.46 1.66
N PRO A 49 9.41 -16.58 2.66
CA PRO A 49 8.44 -16.88 3.73
C PRO A 49 6.98 -16.82 3.27
N LEU A 50 6.65 -15.99 2.30
CA LEU A 50 5.29 -16.01 1.75
C LEU A 50 4.98 -17.37 1.12
N SER A 51 5.90 -17.86 0.29
CA SER A 51 5.75 -19.17 -0.33
C SER A 51 5.65 -20.28 0.72
N THR A 52 6.31 -20.08 1.86
CA THR A 52 6.29 -21.02 2.96
C THR A 52 4.89 -21.14 3.58
N LEU A 53 4.27 -19.99 3.84
CA LEU A 53 2.87 -19.99 4.31
C LEU A 53 1.93 -20.60 3.29
N MET A 54 2.11 -20.27 2.02
CA MET A 54 1.33 -20.85 0.91
C MET A 54 1.49 -22.39 0.84
N LEU A 55 2.71 -22.85 1.10
CA LEU A 55 2.99 -24.30 1.10
C LEU A 55 2.27 -24.98 2.25
N ALA A 56 2.09 -24.27 3.36
CA ALA A 56 1.30 -24.74 4.47
C ALA A 56 -0.23 -24.72 4.23
N GLY A 57 -0.67 -24.20 3.08
CA GLY A 57 -2.09 -24.15 2.71
C GLY A 57 -2.77 -22.85 3.12
N ILE A 58 -2.00 -21.86 3.58
CA ILE A 58 -2.54 -20.63 4.14
C ILE A 58 -2.73 -19.59 3.02
N ARG A 59 -3.96 -19.08 2.90
CA ARG A 59 -4.30 -18.12 1.85
C ARG A 59 -4.60 -16.71 2.35
N GLU A 60 -4.98 -16.58 3.62
CA GLU A 60 -5.27 -15.29 4.26
C GLU A 60 -4.09 -14.91 5.11
N ILE A 61 -3.39 -13.85 4.67
CA ILE A 61 -2.09 -13.49 5.22
C ILE A 61 -1.99 -11.99 5.49
N LEU A 62 -1.50 -11.66 6.68
CA LEU A 62 -1.21 -10.30 7.11
C LEU A 62 0.28 -10.05 7.00
N ILE A 63 0.64 -9.00 6.27
CA ILE A 63 2.03 -8.56 6.16
C ILE A 63 2.20 -7.38 7.11
N ILE A 64 3.09 -7.53 8.08
CA ILE A 64 3.40 -6.46 9.01
C ILE A 64 4.73 -5.84 8.57
N SER A 65 4.71 -4.55 8.28
CA SER A 65 5.94 -3.82 7.91
C SER A 65 6.03 -2.48 8.64
N THR A 66 7.14 -1.76 8.43
CA THR A 66 7.29 -0.40 8.97
C THR A 66 6.30 0.51 8.23
N PRO A 67 5.90 1.63 8.86
CA PRO A 67 5.08 2.62 8.16
C PRO A 67 5.71 3.08 6.83
N GLN A 68 7.03 3.22 6.83
CA GLN A 68 7.78 3.74 5.69
C GLN A 68 7.66 2.80 4.49
N ASP A 69 7.74 1.49 4.71
CA ASP A 69 7.83 0.55 3.57
C ASP A 69 6.56 -0.20 3.21
N THR A 70 5.47 0.00 3.95
CA THR A 70 4.23 -0.71 3.66
C THR A 70 3.81 -0.51 2.20
N PRO A 71 3.93 0.72 1.66
CA PRO A 71 3.58 0.90 0.23
C PRO A 71 4.43 0.11 -0.77
N ARG A 72 5.70 -0.13 -0.44
CA ARG A 72 6.57 -0.94 -1.28
C ARG A 72 6.13 -2.41 -1.25
N PHE A 73 5.81 -2.93 -0.07
CA PHE A 73 5.23 -4.30 0.02
C PHE A 73 3.90 -4.38 -0.75
N GLN A 74 3.06 -3.34 -0.61
CA GLN A 74 1.80 -3.27 -1.35
C GLN A 74 1.97 -3.21 -2.87
N GLN A 75 2.97 -2.48 -3.37
CA GLN A 75 3.27 -2.40 -4.81
C GLN A 75 3.70 -3.77 -5.34
N LEU A 76 4.53 -4.44 -4.56
CA LEU A 76 5.02 -5.77 -4.93
C LEU A 76 3.94 -6.84 -4.94
N LEU A 77 3.13 -6.90 -3.89
CA LEU A 77 2.26 -8.05 -3.61
C LEU A 77 0.76 -7.80 -3.80
N GLY A 78 0.34 -6.54 -3.82
CA GLY A 78 -1.08 -6.23 -4.03
C GLY A 78 -1.97 -6.81 -2.96
N ASP A 79 -3.20 -7.16 -3.34
CA ASP A 79 -4.14 -7.77 -2.40
C ASP A 79 -4.06 -9.31 -2.42
N GLY A 80 -3.14 -9.86 -3.22
CA GLY A 80 -2.93 -11.29 -3.32
C GLY A 80 -3.85 -12.03 -4.30
N SER A 81 -4.85 -11.33 -4.86
CA SER A 81 -5.87 -11.98 -5.68
C SER A 81 -5.28 -12.60 -6.93
N ASN A 82 -4.20 -12.03 -7.48
CA ASN A 82 -3.52 -12.62 -8.64
C ASN A 82 -2.95 -14.01 -8.39
N TRP A 83 -2.70 -14.35 -7.12
CA TRP A 83 -2.11 -15.62 -6.72
C TRP A 83 -3.06 -16.44 -5.85
N GLY A 84 -4.36 -16.10 -5.88
CA GLY A 84 -5.37 -16.84 -5.12
C GLY A 84 -5.32 -16.64 -3.62
N LEU A 85 -4.73 -15.52 -3.18
CA LEU A 85 -4.60 -15.20 -1.76
C LEU A 85 -5.46 -13.99 -1.43
N ASP A 86 -5.59 -13.71 -0.15
CA ASP A 86 -5.99 -12.40 0.28
C ASP A 86 -4.98 -11.86 1.27
N LEU A 87 -4.38 -10.73 0.91
CA LEU A 87 -3.30 -10.16 1.69
C LEU A 87 -3.78 -8.88 2.33
N GLN A 88 -3.58 -8.78 3.65
CA GLN A 88 -3.82 -7.56 4.38
C GLN A 88 -2.50 -7.00 4.89
N TYR A 89 -2.51 -5.74 5.31
CA TYR A 89 -1.31 -5.01 5.70
C TYR A 89 -1.50 -4.31 7.03
N ALA A 90 -0.47 -4.34 7.86
CA ALA A 90 -0.46 -3.59 9.09
C ALA A 90 0.93 -3.01 9.25
N VAL A 91 1.01 -1.96 10.08
CA VAL A 91 2.28 -1.31 10.37
C VAL A 91 2.76 -1.63 11.78
N GLN A 92 4.08 -1.64 11.94
CA GLN A 92 4.70 -1.73 13.24
C GLN A 92 5.52 -0.47 13.44
N PRO A 93 4.96 0.56 14.11
CA PRO A 93 5.65 1.85 14.29
C PRO A 93 7.05 1.75 14.90
N SER A 94 7.24 0.81 15.84
CA SER A 94 8.51 0.61 16.53
C SER A 94 8.82 -0.90 16.66
N PRO A 95 10.09 -1.33 16.48
CA PRO A 95 10.39 -2.76 16.53
C PRO A 95 10.45 -3.28 17.98
N ASP A 96 9.28 -3.54 18.56
CA ASP A 96 9.15 -3.85 19.99
C ASP A 96 9.08 -5.36 20.32
N GLY A 97 9.44 -6.22 19.36
CA GLY A 97 9.50 -7.67 19.56
C GLY A 97 8.58 -8.45 18.62
N LEU A 98 8.92 -9.72 18.41
CA LEU A 98 8.20 -10.57 17.47
C LEU A 98 6.78 -10.87 17.94
N ALA A 99 6.61 -11.06 19.25
CA ALA A 99 5.30 -11.36 19.86
C ALA A 99 4.25 -10.28 19.65
N GLN A 100 4.68 -9.05 19.38
CA GLN A 100 3.78 -7.94 19.06
C GLN A 100 2.95 -8.17 17.79
N ALA A 101 3.38 -9.10 16.93
CA ALA A 101 2.61 -9.49 15.76
C ALA A 101 1.18 -9.89 16.12
N PHE A 102 1.01 -10.51 17.29
CA PHE A 102 -0.33 -10.99 17.72
C PHE A 102 -1.22 -9.88 18.28
N LEU A 103 -0.62 -8.78 18.75
CA LEU A 103 -1.39 -7.60 19.17
C LEU A 103 -1.72 -6.73 17.97
N ILE A 104 -0.73 -6.46 17.12
CA ILE A 104 -0.97 -5.75 15.87
C ILE A 104 -1.99 -6.51 15.03
N GLY A 105 -1.87 -7.85 14.98
CA GLY A 105 -2.77 -8.68 14.17
C GLY A 105 -3.99 -9.26 14.87
N GLU A 106 -4.36 -8.73 16.05
CA GLU A 106 -5.45 -9.33 16.85
C GLU A 106 -6.79 -9.37 16.11
N SER A 107 -7.19 -8.25 15.52
CA SER A 107 -8.45 -8.23 14.78
C SER A 107 -8.34 -9.05 13.48
N PHE A 108 -7.17 -9.05 12.83
CA PHE A 108 -6.94 -9.93 11.66
C PHE A 108 -7.15 -11.42 12.01
N ILE A 109 -6.59 -11.84 13.13
CA ILE A 109 -6.66 -13.23 13.56
C ILE A 109 -8.10 -13.66 13.92
N GLY A 110 -8.80 -12.80 14.65
CA GLY A 110 -10.17 -13.10 15.10
C GLY A 110 -10.12 -14.34 15.97
N ASN A 111 -10.98 -15.30 15.66
CA ASN A 111 -11.13 -16.52 16.46
C ASN A 111 -10.39 -17.71 15.81
N ASP A 112 -9.50 -17.45 14.85
CA ASP A 112 -8.89 -18.53 14.10
C ASP A 112 -7.56 -18.99 14.66
N LEU A 113 -7.10 -20.13 14.15
CA LEU A 113 -5.73 -20.57 14.34
C LEU A 113 -4.80 -19.65 13.55
N SER A 114 -3.50 -19.67 13.83
CA SER A 114 -2.57 -18.83 13.13
C SER A 114 -1.22 -19.47 12.92
N ALA A 115 -0.46 -18.82 12.05
CA ALA A 115 0.94 -19.13 11.86
C ALA A 115 1.72 -17.84 11.66
N LEU A 116 2.85 -17.74 12.34
CA LEU A 116 3.73 -16.60 12.19
C LEU A 116 5.00 -17.03 11.50
N VAL A 117 5.39 -16.31 10.45
CA VAL A 117 6.69 -16.53 9.84
C VAL A 117 7.52 -15.24 9.82
N LEU A 118 8.81 -15.35 10.08
CA LEU A 118 9.71 -14.20 9.95
C LEU A 118 9.92 -13.89 8.47
N GLY A 119 9.77 -12.62 8.12
CA GLY A 119 9.92 -12.18 6.72
C GLY A 119 11.32 -12.37 6.11
N ASP A 120 12.32 -12.73 6.92
CA ASP A 120 13.67 -12.94 6.43
C ASP A 120 14.14 -14.39 6.54
N ASN A 121 13.21 -15.33 6.74
CA ASN A 121 13.58 -16.74 6.97
C ASN A 121 13.35 -17.53 5.68
N LEU A 122 14.40 -18.23 5.24
CA LEU A 122 14.36 -19.04 4.02
C LEU A 122 14.46 -20.52 4.38
N TYR A 123 13.57 -21.33 3.82
CA TYR A 123 13.62 -22.78 4.01
C TYR A 123 13.69 -23.52 2.70
N TYR A 124 14.26 -24.72 2.75
CA TYR A 124 14.31 -25.56 1.56
C TYR A 124 14.44 -27.02 1.96
N GLY A 125 13.68 -27.90 1.31
CA GLY A 125 13.98 -29.33 1.39
C GLY A 125 12.85 -30.26 1.02
N HIS A 126 13.19 -31.54 1.01
CA HIS A 126 12.30 -32.57 0.52
C HIS A 126 11.20 -32.84 1.53
N ASP A 127 9.98 -32.95 1.04
CA ASP A 127 8.77 -33.11 1.88
C ASP A 127 8.56 -31.98 2.90
N PHE A 128 9.05 -30.79 2.58
CA PHE A 128 8.79 -29.63 3.41
C PHE A 128 7.26 -29.41 3.54
N HIS A 129 6.54 -29.65 2.46
CA HIS A 129 5.06 -29.59 2.45
C HIS A 129 4.42 -30.46 3.54
N GLU A 130 4.95 -31.67 3.70
CA GLU A 130 4.43 -32.63 4.70
C GLU A 130 4.84 -32.23 6.13
N LEU A 131 6.06 -31.72 6.28
CA LEU A 131 6.53 -31.17 7.56
C LEU A 131 5.63 -30.00 8.04
N LEU A 132 5.29 -29.10 7.13
CA LEU A 132 4.34 -28.02 7.43
C LEU A 132 2.92 -28.51 7.67
N GLY A 133 2.51 -29.51 6.91
CA GLY A 133 1.17 -30.10 7.02
C GLY A 133 0.89 -30.71 8.37
N SER A 134 1.87 -31.39 8.95
CA SER A 134 1.72 -31.99 10.27
C SER A 134 1.69 -30.95 11.40
N ALA A 135 2.40 -29.83 11.24
CA ALA A 135 2.29 -28.72 12.18
C ALA A 135 0.92 -28.04 12.04
N SER A 136 0.50 -27.73 10.83
CA SER A 136 -0.79 -27.06 10.63
C SER A 136 -2.01 -27.87 11.06
N GLN A 137 -1.90 -29.21 11.01
CA GLN A 137 -2.98 -30.11 11.42
C GLN A 137 -3.22 -30.21 12.93
N ARG A 138 -2.22 -29.87 13.76
CA ARG A 138 -2.44 -29.74 15.21
C ARG A 138 -3.28 -28.52 15.50
N GLN A 139 -4.56 -28.76 15.77
CA GLN A 139 -5.53 -27.69 15.98
C GLN A 139 -5.49 -27.06 17.38
N THR A 140 -4.77 -27.70 18.31
CA THR A 140 -4.54 -27.12 19.62
C THR A 140 -3.06 -27.07 19.92
N GLY A 141 -2.73 -26.18 20.86
CA GLY A 141 -1.35 -25.98 21.26
C GLY A 141 -0.59 -25.16 20.24
N ALA A 142 0.73 -25.23 20.36
CA ALA A 142 1.63 -24.54 19.47
C ALA A 142 2.57 -25.55 18.87
N SER A 143 3.03 -25.28 17.65
CA SER A 143 4.05 -26.11 17.02
C SER A 143 5.21 -25.23 16.56
N VAL A 144 6.41 -25.64 16.93
CA VAL A 144 7.65 -25.02 16.44
C VAL A 144 8.62 -26.09 15.91
N PHE A 145 9.69 -25.62 15.27
CA PHE A 145 10.67 -26.49 14.66
C PHE A 145 12.04 -26.22 15.25
N ALA A 146 12.77 -27.30 15.53
CA ALA A 146 14.13 -27.22 16.04
C ALA A 146 15.14 -27.67 15.00
N TYR A 147 16.22 -26.91 14.86
CA TYR A 147 17.22 -27.09 13.80
C TYR A 147 18.63 -26.94 14.34
N HIS A 148 19.47 -27.91 14.07
CA HIS A 148 20.83 -27.91 14.58
C HIS A 148 21.61 -26.81 13.87
N VAL A 149 22.19 -25.88 14.65
CA VAL A 149 22.98 -24.77 14.09
C VAL A 149 24.35 -24.70 14.79
N LEU A 150 25.29 -24.02 14.14
CA LEU A 150 26.63 -23.80 14.69
C LEU A 150 26.62 -22.84 15.89
N ASP A 151 25.70 -21.88 15.88
CA ASP A 151 25.71 -20.74 16.80
C ASP A 151 24.36 -20.64 17.52
N PRO A 152 24.00 -21.65 18.33
CA PRO A 152 22.69 -21.65 18.98
C PRO A 152 22.48 -20.46 19.92
N GLU A 153 23.57 -19.91 20.43
CA GLU A 153 23.56 -18.69 21.29
C GLU A 153 22.90 -17.46 20.70
N ARG A 154 22.73 -17.41 19.37
CA ARG A 154 22.00 -16.31 18.72
C ARG A 154 20.49 -16.50 18.71
N TYR A 155 20.00 -17.66 19.14
CA TYR A 155 18.61 -18.04 18.91
C TYR A 155 17.91 -18.44 20.20
N GLY A 156 16.61 -18.69 20.08
CA GLY A 156 15.88 -19.46 21.08
C GLY A 156 16.35 -20.90 21.02
N VAL A 157 16.80 -21.45 22.14
CA VAL A 157 17.38 -22.80 22.17
C VAL A 157 16.49 -23.76 22.93
N VAL A 158 16.30 -24.96 22.36
CA VAL A 158 15.44 -25.99 22.96
C VAL A 158 16.34 -27.02 23.60
N GLU A 159 16.04 -27.36 24.85
CA GLU A 159 16.73 -28.44 25.56
C GLU A 159 15.82 -29.66 25.56
N PHE A 160 16.39 -30.83 25.30
CA PHE A 160 15.65 -32.09 25.25
C PHE A 160 16.14 -33.05 26.33
N ASP A 161 15.24 -33.90 26.83
CA ASP A 161 15.66 -34.98 27.75
C ASP A 161 16.14 -36.23 26.98
N GLN A 162 16.54 -37.27 27.72
CA GLN A 162 17.02 -38.52 27.13
C GLN A 162 16.02 -39.21 26.19
N GLY A 163 14.73 -39.03 26.44
CA GLY A 163 13.68 -39.55 25.58
C GLY A 163 13.34 -38.68 24.37
N GLY A 164 14.02 -37.54 24.21
CA GLY A 164 13.72 -36.58 23.17
C GLY A 164 12.65 -35.55 23.52
N LYS A 165 12.16 -35.50 24.76
CA LYS A 165 11.10 -34.53 25.11
C LYS A 165 11.70 -33.13 25.33
N ALA A 166 11.10 -32.11 24.72
CA ALA A 166 11.50 -30.72 24.97
C ALA A 166 11.22 -30.39 26.44
N ILE A 167 12.23 -29.91 27.14
CA ILE A 167 12.10 -29.59 28.57
C ILE A 167 12.38 -28.14 28.94
N SER A 168 13.09 -27.39 28.11
CA SER A 168 13.30 -25.96 28.36
C SER A 168 13.57 -25.19 27.09
N LEU A 169 13.31 -23.89 27.19
CA LEU A 169 13.58 -22.93 26.14
C LEU A 169 14.30 -21.76 26.77
N GLU A 170 15.35 -21.29 26.10
CA GLU A 170 16.09 -20.11 26.56
C GLU A 170 16.38 -19.22 25.38
N GLU A 171 16.11 -17.93 25.54
CA GLU A 171 16.39 -16.94 24.51
C GLU A 171 17.85 -16.49 24.58
N LYS A 172 18.62 -16.83 23.54
CA LYS A 172 20.03 -16.43 23.41
C LYS A 172 20.89 -16.74 24.64
N PRO A 173 20.90 -18.00 25.08
CA PRO A 173 21.73 -18.34 26.26
C PRO A 173 23.23 -18.25 25.93
N LEU A 174 24.03 -17.75 26.88
CA LEU A 174 25.47 -17.67 26.69
C LEU A 174 26.10 -19.06 26.64
N GLU A 175 25.49 -20.01 27.36
CA GLU A 175 25.92 -21.40 27.34
C GLU A 175 24.72 -22.27 26.94
N PRO A 176 24.49 -22.44 25.62
CA PRO A 176 23.33 -23.18 25.14
C PRO A 176 23.32 -24.62 25.63
N LYS A 177 22.15 -25.09 26.01
CA LYS A 177 21.97 -26.48 26.46
C LYS A 177 22.07 -27.50 25.34
N SER A 178 21.81 -27.06 24.11
CA SER A 178 21.96 -27.88 22.93
C SER A 178 22.33 -26.95 21.78
N ASN A 179 22.53 -27.54 20.61
CA ASN A 179 22.71 -26.78 19.39
C ASN A 179 21.40 -26.64 18.58
N TYR A 180 20.25 -26.91 19.21
CA TYR A 180 18.96 -26.82 18.50
C TYR A 180 18.31 -25.45 18.67
N ALA A 181 18.31 -24.68 17.59
CA ALA A 181 17.65 -23.39 17.50
C ALA A 181 16.17 -23.53 17.06
N VAL A 182 15.31 -22.69 17.62
CA VAL A 182 13.93 -22.59 17.20
C VAL A 182 13.87 -21.73 15.95
N THR A 183 13.36 -22.27 14.85
CA THR A 183 13.31 -21.53 13.58
C THR A 183 12.22 -20.45 13.63
N GLY A 184 12.22 -19.55 12.64
CA GLY A 184 11.30 -18.41 12.62
C GLY A 184 9.98 -18.78 11.95
N LEU A 185 9.42 -19.92 12.33
CA LEU A 185 8.13 -20.36 11.81
C LEU A 185 7.35 -20.99 12.95
N TYR A 186 6.16 -20.46 13.24
CA TYR A 186 5.43 -20.77 14.47
C TYR A 186 3.94 -20.97 14.18
N PHE A 187 3.38 -22.09 14.63
CA PHE A 187 1.97 -22.38 14.47
C PHE A 187 1.31 -22.29 15.85
N TYR A 188 0.24 -21.49 15.93
CA TYR A 188 -0.47 -21.25 17.19
C TYR A 188 -1.97 -21.51 17.07
N ASP A 189 -2.53 -21.87 18.21
CA ASP A 189 -3.98 -22.01 18.36
C ASP A 189 -4.57 -20.66 18.83
N GLN A 190 -5.82 -20.69 19.30
CA GLN A 190 -6.53 -19.45 19.66
C GLN A 190 -6.08 -18.81 20.96
N GLN A 191 -5.18 -19.45 21.71
CA GLN A 191 -4.68 -18.91 22.99
C GLN A 191 -3.61 -17.84 22.80
N VAL A 192 -2.99 -17.76 21.63
CA VAL A 192 -1.76 -16.97 21.47
C VAL A 192 -1.95 -15.48 21.75
N VAL A 193 -3.06 -14.91 21.31
CA VAL A 193 -3.29 -13.47 21.49
C VAL A 193 -3.34 -13.09 23.00
N ASP A 194 -4.09 -13.86 23.80
CA ASP A 194 -4.14 -13.62 25.25
C ASP A 194 -2.80 -13.85 25.96
N ILE A 195 -2.03 -14.85 25.52
CA ILE A 195 -0.66 -15.04 26.00
C ILE A 195 0.19 -13.81 25.67
N ALA A 196 0.13 -13.34 24.43
CA ALA A 196 0.87 -12.16 23.99
C ALA A 196 0.46 -10.88 24.74
N ARG A 197 -0.83 -10.72 25.00
CA ARG A 197 -1.33 -9.56 25.76
C ARG A 197 -0.75 -9.48 27.18
N ASP A 198 -0.55 -10.64 27.82
CA ASP A 198 0.03 -10.71 29.17
C ASP A 198 1.57 -10.63 29.24
N LEU A 199 2.28 -10.63 28.12
CA LEU A 199 3.75 -10.51 28.18
C LEU A 199 4.17 -9.13 28.67
N LYS A 200 5.23 -9.07 29.47
CA LYS A 200 5.90 -7.81 29.77
C LYS A 200 7.26 -7.79 29.06
N PRO A 201 7.73 -6.58 28.63
CA PRO A 201 9.01 -6.48 27.91
C PRO A 201 10.20 -7.13 28.62
N SER A 202 11.05 -7.79 27.85
CA SER A 202 12.26 -8.46 28.37
C SER A 202 13.30 -7.43 28.87
N PRO A 203 14.41 -7.92 29.48
CA PRO A 203 15.50 -7.01 29.83
C PRO A 203 15.93 -6.00 28.73
N ARG A 204 15.92 -6.42 27.45
CA ARG A 204 16.24 -5.49 26.35
C ARG A 204 15.03 -4.78 25.69
N GLY A 205 13.88 -4.77 26.38
CA GLY A 205 12.70 -4.05 25.92
C GLY A 205 12.02 -4.65 24.70
N GLU A 206 11.80 -5.97 24.71
CA GLU A 206 11.12 -6.67 23.62
C GLU A 206 10.10 -7.68 24.13
N LEU A 207 8.96 -7.78 23.43
CA LEU A 207 7.97 -8.82 23.68
C LEU A 207 8.46 -10.09 22.95
N GLU A 208 8.92 -11.05 23.73
CA GLU A 208 9.72 -12.18 23.22
C GLU A 208 8.83 -13.35 22.75
N ILE A 209 9.06 -13.83 21.53
CA ILE A 209 8.35 -15.03 21.06
C ILE A 209 8.71 -16.26 21.91
N THR A 210 9.95 -16.32 22.40
CA THR A 210 10.33 -17.41 23.30
C THR A 210 9.48 -17.49 24.58
N ASP A 211 9.06 -16.34 25.10
CA ASP A 211 8.10 -16.31 26.23
C ASP A 211 6.73 -16.86 25.85
N VAL A 212 6.24 -16.55 24.65
CA VAL A 212 5.01 -17.17 24.14
C VAL A 212 5.18 -18.68 24.12
N ASN A 213 6.28 -19.13 23.51
CA ASN A 213 6.53 -20.57 23.36
C ASN A 213 6.69 -21.27 24.70
N ARG A 214 7.32 -20.61 25.67
CA ARG A 214 7.44 -21.18 27.00
C ARG A 214 6.10 -21.32 27.73
N ALA A 215 5.19 -20.38 27.50
CA ALA A 215 3.86 -20.44 28.10
C ALA A 215 3.12 -21.68 27.61
N TYR A 216 3.21 -21.95 26.30
CA TYR A 216 2.68 -23.21 25.75
C TYR A 216 3.41 -24.43 26.34
N LEU A 217 4.73 -24.36 26.44
CA LEU A 217 5.51 -25.49 27.01
C LEU A 217 5.11 -25.76 28.46
N GLU A 218 4.95 -24.70 29.24
CA GLU A 218 4.45 -24.81 30.63
C GLU A 218 3.04 -25.43 30.73
N ARG A 219 2.18 -25.19 29.73
CA ARG A 219 0.85 -25.81 29.66
C ARG A 219 0.82 -27.26 29.14
N GLY A 220 1.99 -27.82 28.81
CA GLY A 220 2.06 -29.12 28.09
C GLY A 220 1.49 -29.08 26.67
N GLN A 221 1.50 -27.92 26.02
CA GLN A 221 0.92 -27.81 24.65
C GLN A 221 1.89 -27.24 23.61
N LEU A 222 3.18 -27.48 23.80
CA LEU A 222 4.19 -27.16 22.79
C LEU A 222 4.71 -28.44 22.15
N SER A 223 4.47 -28.56 20.84
CA SER A 223 5.11 -29.57 20.01
C SER A 223 6.36 -28.96 19.38
N VAL A 224 7.49 -29.61 19.62
CA VAL A 224 8.75 -29.25 19.00
C VAL A 224 9.12 -30.39 18.06
N GLU A 225 8.98 -30.18 16.76
CA GLU A 225 9.43 -31.15 15.78
C GLU A 225 10.83 -30.80 15.28
N ILE A 226 11.66 -31.82 15.08
CA ILE A 226 12.98 -31.62 14.50
C ILE A 226 12.81 -31.31 13.01
N MET A 227 13.46 -30.25 12.55
CA MET A 227 13.65 -30.01 11.14
C MET A 227 15.05 -30.53 10.92
N GLY A 228 15.13 -31.65 10.21
CA GLY A 228 16.39 -32.39 10.05
C GLY A 228 17.49 -31.66 9.30
N ARG A 229 18.67 -32.22 9.38
CA ARG A 229 19.84 -31.67 8.72
C ARG A 229 19.74 -31.70 7.19
N GLY A 230 18.86 -32.55 6.64
CA GLY A 230 18.59 -32.56 5.19
C GLY A 230 17.78 -31.36 4.67
N TYR A 231 17.21 -30.56 5.57
CA TYR A 231 16.65 -29.25 5.23
C TYR A 231 17.70 -28.17 5.37
N ALA A 232 17.59 -27.13 4.55
CA ALA A 232 18.37 -25.92 4.69
C ALA A 232 17.48 -24.82 5.30
N TRP A 233 17.85 -24.33 6.49
CA TRP A 233 17.24 -23.13 7.06
C TRP A 233 18.35 -22.10 6.94
N LEU A 234 18.21 -21.16 5.99
CA LEU A 234 19.30 -20.24 5.63
C LEU A 234 19.39 -19.00 6.52
N ASP A 235 20.61 -18.54 6.72
CA ASP A 235 20.90 -17.40 7.57
C ASP A 235 20.82 -16.15 6.69
N THR A 236 19.95 -15.18 7.04
CA THR A 236 20.01 -13.82 6.42
C THR A 236 20.42 -12.71 7.42
N GLY A 237 20.97 -13.11 8.57
CA GLY A 237 21.36 -12.16 9.61
C GLY A 237 22.49 -11.20 9.30
N THR A 238 23.41 -11.58 8.41
CA THR A 238 24.59 -10.77 8.10
C THR A 238 24.74 -10.56 6.58
N HIS A 239 25.56 -9.59 6.21
CA HIS A 239 25.87 -9.37 4.80
C HIS A 239 26.52 -10.64 4.21
N ASP A 240 27.39 -11.28 4.98
CA ASP A 240 28.01 -12.56 4.55
C ASP A 240 26.96 -13.64 4.31
N SER A 241 26.07 -13.85 5.27
CA SER A 241 25.07 -14.94 5.14
C SER A 241 24.01 -14.65 4.08
N LEU A 242 23.63 -13.38 3.90
CA LEU A 242 22.71 -13.00 2.81
C LEU A 242 23.30 -13.37 1.44
N LEU A 243 24.61 -13.14 1.29
CA LEU A 243 25.30 -13.54 0.07
C LEU A 243 25.32 -15.07 -0.12
N GLU A 244 25.61 -15.80 0.97
CA GLU A 244 25.52 -17.27 0.96
C GLU A 244 24.13 -17.79 0.61
N ALA A 245 23.09 -17.12 1.11
CA ALA A 245 21.73 -17.50 0.78
C ALA A 245 21.44 -17.38 -0.72
N GLY A 246 21.83 -16.25 -1.31
CA GLY A 246 21.70 -16.00 -2.76
C GLY A 246 22.43 -17.05 -3.62
N GLN A 247 23.66 -17.38 -3.21
CA GLN A 247 24.47 -18.38 -3.91
CA GLN A 247 24.46 -18.40 -3.93
C GLN A 247 23.83 -19.78 -3.81
N PHE A 248 23.22 -20.07 -2.66
CA PHE A 248 22.56 -21.34 -2.40
C PHE A 248 21.34 -21.54 -3.34
N ILE A 249 20.47 -20.53 -3.39
CA ILE A 249 19.30 -20.58 -4.25
C ILE A 249 19.72 -20.65 -5.73
N ALA A 250 20.70 -19.83 -6.12
CA ALA A 250 21.21 -19.80 -7.49
C ALA A 250 21.74 -21.15 -7.98
N THR A 251 22.52 -21.82 -7.14
CA THR A 251 23.03 -23.16 -7.45
C THR A 251 21.91 -24.18 -7.64
N LEU A 252 20.93 -24.18 -6.75
CA LEU A 252 19.80 -25.08 -6.86
C LEU A 252 18.99 -24.83 -8.13
N GLU A 253 18.64 -23.56 -8.35
CA GLU A 253 17.78 -23.21 -9.48
C GLU A 253 18.46 -23.43 -10.84
N ASN A 254 19.73 -23.05 -10.96
CA ASN A 254 20.49 -23.25 -12.19
C ASN A 254 20.77 -24.71 -12.47
N ARG A 255 20.89 -25.52 -11.43
CA ARG A 255 21.03 -26.96 -11.59
C ARG A 255 19.74 -27.60 -12.10
N GLN A 256 18.63 -27.21 -11.49
CA GLN A 256 17.36 -27.90 -11.67
C GLN A 256 16.53 -27.38 -12.81
N GLY A 257 16.73 -26.11 -13.18
CA GLY A 257 15.78 -25.40 -14.03
C GLY A 257 14.39 -25.33 -13.37
N LEU A 258 14.38 -25.30 -12.04
CA LEU A 258 13.16 -25.13 -11.25
C LEU A 258 13.48 -24.07 -10.25
N LYS A 259 12.47 -23.36 -9.78
CA LYS A 259 12.66 -22.29 -8.81
C LYS A 259 12.27 -22.74 -7.39
N VAL A 260 12.94 -22.13 -6.42
CA VAL A 260 12.60 -22.26 -5.01
C VAL A 260 11.71 -21.06 -4.67
N ALA A 261 10.51 -21.32 -4.13
CA ALA A 261 9.63 -20.26 -3.61
C ALA A 261 9.20 -19.24 -4.65
N CYS A 262 8.77 -19.75 -5.81
CA CYS A 262 8.07 -18.99 -6.81
C CYS A 262 6.59 -19.01 -6.41
N PRO A 263 6.07 -17.87 -5.90
CA PRO A 263 4.69 -17.89 -5.42
C PRO A 263 3.64 -18.25 -6.48
N GLU A 264 3.84 -17.80 -7.71
CA GLU A 264 2.92 -18.13 -8.81
C GLU A 264 2.82 -19.64 -8.99
N GLU A 265 3.96 -20.32 -8.87
CA GLU A 265 4.03 -21.76 -9.02
C GLU A 265 3.28 -22.47 -7.91
N ILE A 266 3.51 -22.03 -6.68
CA ILE A 266 2.90 -22.68 -5.53
C ILE A 266 1.37 -22.51 -5.59
N ALA A 267 0.90 -21.31 -5.93
CA ALA A 267 -0.55 -21.10 -6.13
C ALA A 267 -1.12 -22.02 -7.22
N TYR A 268 -0.39 -22.13 -8.33
CA TYR A 268 -0.78 -23.02 -9.42
C TYR A 268 -0.84 -24.49 -8.98
N ARG A 269 0.18 -24.96 -8.26
CA ARG A 269 0.18 -26.35 -7.78
C ARG A 269 -0.82 -26.62 -6.66
N GLN A 270 -1.17 -25.60 -5.89
CA GLN A 270 -2.26 -25.71 -4.89
C GLN A 270 -3.65 -25.65 -5.57
N LYS A 271 -3.70 -25.29 -6.85
CA LYS A 271 -4.95 -25.08 -7.61
C LYS A 271 -5.75 -23.89 -7.09
N TRP A 272 -5.03 -22.91 -6.53
CA TRP A 272 -5.62 -21.61 -6.18
C TRP A 272 -5.70 -20.70 -7.39
N ILE A 273 -4.92 -21.00 -8.42
CA ILE A 273 -5.07 -20.36 -9.73
C ILE A 273 -5.01 -21.43 -10.79
N ASP A 274 -5.68 -21.21 -11.93
CA ASP A 274 -5.68 -22.19 -13.03
C ASP A 274 -4.68 -21.78 -14.10
N ALA A 275 -4.57 -22.62 -15.14
CA ALA A 275 -3.61 -22.39 -16.24
C ALA A 275 -3.80 -21.05 -16.95
N ALA A 276 -5.05 -20.65 -17.14
CA ALA A 276 -5.38 -19.37 -17.79
C ALA A 276 -4.90 -18.17 -17.00
N GLN A 277 -5.13 -18.19 -15.69
CA GLN A 277 -4.61 -17.14 -14.81
C GLN A 277 -3.08 -17.12 -14.82
N LEU A 278 -2.45 -18.29 -14.69
CA LEU A 278 -0.99 -18.36 -14.72
C LEU A 278 -0.42 -17.82 -16.04
N GLU A 279 -1.07 -18.13 -17.15
CA GLU A 279 -0.70 -17.57 -18.45
C GLU A 279 -0.74 -16.04 -18.44
N LYS A 280 -1.79 -15.46 -17.87
CA LYS A 280 -1.86 -13.98 -17.73
C LYS A 280 -0.69 -13.43 -16.91
N LEU A 281 -0.33 -14.12 -15.82
CA LEU A 281 0.79 -13.67 -14.96
C LEU A 281 2.14 -13.74 -15.67
N ALA A 282 2.30 -14.71 -16.56
CA ALA A 282 3.54 -14.82 -17.35
C ALA A 282 3.75 -13.63 -18.31
N ALA A 283 2.67 -13.05 -18.83
CA ALA A 283 2.74 -12.00 -19.89
C ALA A 283 3.63 -10.79 -19.59
N PRO A 284 3.42 -10.07 -18.47
CA PRO A 284 4.29 -8.91 -18.19
C PRO A 284 5.79 -9.21 -18.04
N LEU A 285 6.15 -10.45 -17.71
CA LEU A 285 7.54 -10.84 -17.53
C LEU A 285 8.06 -11.74 -18.67
N ALA A 286 7.35 -11.78 -19.80
CA ALA A 286 7.69 -12.72 -20.90
C ALA A 286 9.09 -12.53 -21.50
N LYS A 287 9.65 -11.33 -21.41
CA LYS A 287 10.98 -11.03 -21.94
C LYS A 287 12.14 -11.45 -21.01
N ASN A 288 11.86 -11.84 -19.76
CA ASN A 288 12.91 -12.32 -18.84
C ASN A 288 12.70 -13.78 -18.46
N GLY A 289 13.70 -14.33 -17.78
CA GLY A 289 13.69 -15.72 -17.32
C GLY A 289 12.52 -16.08 -16.43
N TYR A 290 12.07 -15.11 -15.63
CA TYR A 290 11.00 -15.36 -14.67
C TYR A 290 9.65 -15.63 -15.37
N GLY A 291 9.25 -14.75 -16.29
CA GLY A 291 8.04 -15.00 -17.08
C GLY A 291 8.14 -16.23 -17.98
N GLN A 292 9.34 -16.49 -18.50
CA GLN A 292 9.57 -17.68 -19.33
C GLN A 292 9.39 -18.96 -18.52
N TYR A 293 9.80 -18.91 -17.24
CA TYR A 293 9.59 -20.04 -16.32
C TYR A 293 8.11 -20.30 -16.06
N LEU A 294 7.36 -19.24 -15.75
CA LEU A 294 5.91 -19.36 -15.54
C LEU A 294 5.20 -19.99 -16.75
N LYS A 295 5.62 -19.58 -17.94
CA LYS A 295 5.11 -20.14 -19.19
C LYS A 295 5.40 -21.65 -19.31
N ARG A 296 6.65 -22.05 -19.01
CA ARG A 296 7.02 -23.47 -19.05
C ARG A 296 6.17 -24.34 -18.11
N LEU A 297 5.83 -23.81 -16.92
CA LEU A 297 4.99 -24.54 -15.96
C LEU A 297 3.60 -24.93 -16.47
N LEU A 298 3.11 -24.23 -17.50
CA LEU A 298 1.82 -24.57 -18.10
C LEU A 298 1.81 -25.89 -18.85
N THR A 299 2.95 -26.27 -19.44
CA THR A 299 2.99 -27.44 -20.32
C THR A 299 3.81 -28.62 -19.79
N GLU A 300 4.61 -28.39 -18.75
CA GLU A 300 5.54 -29.40 -18.25
C GLU A 300 4.94 -30.10 -17.05
N THR A 301 5.04 -31.42 -17.04
CA THR A 301 4.77 -32.21 -15.84
C THR A 301 6.02 -32.18 -14.93
N VAL A 302 5.89 -31.65 -13.72
CA VAL A 302 7.00 -31.63 -12.74
C VAL A 302 6.55 -32.42 -11.52
N TYR A 303 7.26 -33.51 -11.22
CA TYR A 303 6.90 -34.41 -10.12
C TYR A 303 7.38 -33.84 -8.79
N MET B 11 40.05 24.42 -14.35
CA MET B 11 38.58 24.47 -14.68
C MET B 11 37.81 23.45 -13.84
N LYS B 12 36.55 23.75 -13.53
CA LYS B 12 35.72 22.83 -12.70
C LYS B 12 35.19 21.68 -13.54
N ARG B 13 35.13 20.47 -12.95
CA ARG B 13 34.42 19.33 -13.54
C ARG B 13 33.29 18.84 -12.62
N LYS B 14 32.08 18.78 -13.15
CA LYS B 14 30.91 18.35 -12.38
C LYS B 14 30.61 16.90 -12.74
N GLY B 15 29.96 16.20 -11.82
CA GLY B 15 29.67 14.79 -12.01
C GLY B 15 28.20 14.52 -12.20
N ILE B 16 27.88 13.47 -12.94
CA ILE B 16 26.50 12.99 -13.05
C ILE B 16 26.52 11.49 -12.85
N ILE B 17 25.64 11.01 -11.97
CA ILE B 17 25.38 9.57 -11.85
C ILE B 17 24.01 9.31 -12.47
N LEU B 18 23.96 8.50 -13.52
CA LEU B 18 22.69 8.12 -14.11
C LEU B 18 22.23 6.79 -13.48
N ALA B 19 21.26 6.88 -12.58
CA ALA B 19 20.76 5.72 -11.86
C ALA B 19 19.28 5.54 -12.21
N GLY B 20 19.01 5.39 -13.50
CA GLY B 20 17.64 5.30 -14.01
C GLY B 20 17.11 3.88 -14.01
N GLY B 21 16.00 3.67 -14.72
CA GLY B 21 15.30 2.40 -14.70
C GLY B 21 16.02 1.29 -15.46
N SER B 22 15.99 0.08 -14.89
CA SER B 22 16.51 -1.13 -15.55
C SER B 22 15.38 -1.94 -16.21
N GLY B 23 14.37 -1.25 -16.76
CA GLY B 23 13.20 -1.91 -17.36
C GLY B 23 12.50 -2.93 -16.46
N THR B 24 12.14 -4.06 -17.04
CA THR B 24 11.59 -5.21 -16.30
C THR B 24 12.57 -6.40 -16.27
N ARG B 25 13.83 -6.16 -16.63
CA ARG B 25 14.78 -7.27 -16.89
C ARG B 25 15.23 -8.03 -15.64
N LEU B 26 15.30 -7.35 -14.48
CA LEU B 26 15.62 -8.01 -13.20
C LEU B 26 14.37 -8.24 -12.30
N HIS B 27 13.17 -8.08 -12.84
CA HIS B 27 11.92 -8.30 -12.08
C HIS B 27 11.80 -9.81 -11.79
N PRO B 28 11.27 -10.22 -10.64
CA PRO B 28 10.63 -9.36 -9.65
C PRO B 28 11.55 -8.75 -8.58
N ALA B 29 12.85 -9.03 -8.63
CA ALA B 29 13.80 -8.47 -7.64
C ALA B 29 13.78 -6.93 -7.62
N THR B 30 13.64 -6.32 -8.80
CA THR B 30 13.60 -4.86 -8.94
C THR B 30 12.18 -4.28 -9.09
N LEU B 31 11.15 -5.05 -8.76
CA LEU B 31 9.78 -4.52 -8.82
C LEU B 31 9.56 -3.41 -7.80
N ALA B 32 9.98 -3.65 -6.57
CA ALA B 32 9.74 -2.73 -5.45
C ALA B 32 10.69 -1.54 -5.38
N ILE B 33 11.92 -1.69 -5.90
CA ILE B 33 12.94 -0.65 -5.73
C ILE B 33 13.97 -0.72 -6.87
N SER B 34 14.51 0.43 -7.23
CA SER B 34 15.57 0.54 -8.23
C SER B 34 16.80 -0.30 -7.88
N LYS B 35 17.33 -0.94 -8.90
CA LYS B 35 18.57 -1.71 -8.84
C LYS B 35 19.72 -1.00 -8.10
N GLN B 36 19.88 0.30 -8.32
CA GLN B 36 21.02 1.04 -7.78
C GLN B 36 20.90 1.39 -6.29
N LEU B 37 19.71 1.14 -5.71
CA LEU B 37 19.50 1.16 -4.26
C LEU B 37 19.67 -0.22 -3.57
N LEU B 38 19.77 -1.30 -4.35
CA LEU B 38 20.08 -2.63 -3.83
C LEU B 38 21.55 -2.68 -3.40
N PRO B 39 21.87 -3.48 -2.38
CA PRO B 39 23.28 -3.56 -1.97
C PRO B 39 24.13 -4.48 -2.82
N VAL B 40 25.39 -4.10 -2.98
CA VAL B 40 26.43 -5.01 -3.40
C VAL B 40 27.24 -5.25 -2.12
N TYR B 41 27.13 -6.47 -1.60
CA TYR B 41 27.65 -6.84 -0.28
C TYR B 41 27.08 -5.97 0.88
N ASP B 42 27.81 -4.97 1.33
CA ASP B 42 27.52 -4.25 2.59
C ASP B 42 27.06 -2.80 2.39
N LYS B 43 26.95 -2.33 1.15
CA LYS B 43 26.62 -0.93 0.91
C LYS B 43 25.75 -0.77 -0.36
N PRO B 44 24.90 0.26 -0.41
CA PRO B 44 24.05 0.39 -1.60
C PRO B 44 24.88 0.53 -2.86
N MET B 45 24.40 -0.09 -3.94
CA MET B 45 25.13 -0.11 -5.20
C MET B 45 25.67 1.26 -5.61
N ILE B 46 24.88 2.30 -5.37
CA ILE B 46 25.23 3.65 -5.81
C ILE B 46 26.45 4.24 -5.09
N TYR B 47 26.78 3.70 -3.92
CA TYR B 47 28.00 4.07 -3.20
C TYR B 47 29.24 3.85 -4.06
N TYR B 48 29.20 2.86 -4.96
CA TYR B 48 30.37 2.52 -5.78
C TYR B 48 30.68 3.55 -6.90
N PRO B 49 29.69 3.88 -7.75
CA PRO B 49 29.92 4.97 -8.71
C PRO B 49 30.07 6.34 -8.08
N LEU B 50 29.38 6.62 -6.96
CA LEU B 50 29.59 7.87 -6.23
C LEU B 50 31.03 7.96 -5.77
N SER B 51 31.50 6.90 -5.13
CA SER B 51 32.89 6.81 -4.73
C SER B 51 33.86 7.02 -5.88
N THR B 52 33.54 6.48 -7.05
CA THR B 52 34.31 6.64 -8.25
C THR B 52 34.48 8.10 -8.67
N LEU B 53 33.38 8.87 -8.68
CA LEU B 53 33.45 10.31 -8.97
C LEU B 53 34.27 11.06 -7.94
N MET B 54 34.06 10.69 -6.67
CA MET B 54 34.80 11.30 -5.59
C MET B 54 36.29 11.01 -5.71
N LEU B 55 36.64 9.80 -6.12
CA LEU B 55 38.05 9.44 -6.32
C LEU B 55 38.63 10.27 -7.46
N ALA B 56 37.82 10.52 -8.50
CA ALA B 56 38.24 11.44 -9.56
C ALA B 56 38.36 12.90 -9.11
N GLY B 57 38.05 13.22 -7.86
CA GLY B 57 38.14 14.58 -7.33
C GLY B 57 36.89 15.42 -7.53
N ILE B 58 35.77 14.80 -7.88
CA ILE B 58 34.55 15.51 -8.24
C ILE B 58 33.65 15.64 -7.00
N ARG B 59 33.33 16.88 -6.63
CA ARG B 59 32.53 17.18 -5.44
C ARG B 59 31.10 17.63 -5.73
N GLU B 60 30.84 18.17 -6.92
CA GLU B 60 29.51 18.64 -7.31
C GLU B 60 28.92 17.62 -8.26
N ILE B 61 27.84 16.97 -7.82
CA ILE B 61 27.33 15.75 -8.44
C ILE B 61 25.78 15.79 -8.57
N LEU B 62 25.29 15.51 -9.78
CA LEU B 62 23.86 15.37 -10.06
C LEU B 62 23.52 13.88 -10.13
N ILE B 63 22.51 13.48 -9.39
CA ILE B 63 22.06 12.11 -9.35
C ILE B 63 20.73 12.07 -10.08
N ILE B 64 20.71 11.34 -11.19
CA ILE B 64 19.51 11.17 -11.98
C ILE B 64 18.90 9.79 -11.74
N SER B 65 17.62 9.75 -11.36
CA SER B 65 16.90 8.49 -11.14
C SER B 65 15.48 8.57 -11.70
N THR B 66 14.70 7.52 -11.49
CA THR B 66 13.30 7.52 -11.92
C THR B 66 12.52 8.48 -11.05
N PRO B 67 11.35 8.94 -11.54
CA PRO B 67 10.49 9.78 -10.69
C PRO B 67 10.13 9.13 -9.35
N GLN B 68 9.79 7.85 -9.37
CA GLN B 68 9.47 7.15 -8.13
C GLN B 68 10.62 7.13 -7.12
N ASP B 69 11.84 6.86 -7.56
CA ASP B 69 12.94 6.59 -6.61
C ASP B 69 13.83 7.77 -6.23
N THR B 70 13.66 8.94 -6.84
CA THR B 70 14.45 10.12 -6.44
C THR B 70 14.34 10.50 -4.94
N PRO B 71 13.13 10.41 -4.33
CA PRO B 71 13.09 10.66 -2.87
C PRO B 71 13.91 9.68 -2.05
N ARG B 72 14.03 8.45 -2.53
CA ARG B 72 14.81 7.44 -1.85
C ARG B 72 16.32 7.70 -2.01
N PHE B 73 16.75 8.14 -3.18
CA PHE B 73 18.15 8.59 -3.36
C PHE B 73 18.44 9.81 -2.48
N GLN B 74 17.49 10.75 -2.45
CA GLN B 74 17.59 11.94 -1.62
C GLN B 74 17.66 11.66 -0.13
N GLN B 75 16.82 10.75 0.35
CA GLN B 75 16.84 10.33 1.76
C GLN B 75 18.17 9.66 2.09
N LEU B 76 18.63 8.76 1.23
CA LEU B 76 19.91 8.07 1.42
C LEU B 76 21.12 9.03 1.48
N LEU B 77 21.22 9.96 0.54
CA LEU B 77 22.45 10.74 0.36
C LEU B 77 22.40 12.20 0.78
N GLY B 78 21.21 12.77 0.97
CA GLY B 78 21.09 14.17 1.38
C GLY B 78 21.64 15.15 0.36
N ASP B 79 21.95 16.36 0.82
CA ASP B 79 22.62 17.35 -0.02
C ASP B 79 24.14 17.11 -0.20
N GLY B 80 24.69 16.11 0.49
CA GLY B 80 26.10 15.75 0.37
C GLY B 80 27.04 16.42 1.37
N SER B 81 26.56 17.45 2.07
CA SER B 81 27.43 18.31 2.88
C SER B 81 28.09 17.57 4.03
N ASN B 82 27.46 16.51 4.53
CA ASN B 82 28.07 15.63 5.54
C ASN B 82 29.33 14.88 5.05
N TRP B 83 29.47 14.73 3.74
CA TRP B 83 30.62 14.09 3.13
C TRP B 83 31.46 15.08 2.31
N GLY B 84 31.27 16.38 2.54
CA GLY B 84 31.99 17.40 1.78
C GLY B 84 31.62 17.48 0.30
N LEU B 85 30.43 17.02 -0.05
CA LEU B 85 29.95 17.07 -1.42
C LEU B 85 28.80 18.07 -1.56
N ASP B 86 28.46 18.36 -2.81
CA ASP B 86 27.35 19.24 -3.14
C ASP B 86 26.47 18.46 -4.12
N LEU B 87 25.47 17.76 -3.58
CA LEU B 87 24.63 16.88 -4.36
C LEU B 87 23.35 17.54 -4.81
N GLN B 88 22.94 17.22 -6.04
CA GLN B 88 21.68 17.66 -6.60
C GLN B 88 20.98 16.46 -7.24
N TYR B 89 19.69 16.64 -7.52
CA TYR B 89 18.87 15.52 -8.01
C TYR B 89 18.02 15.97 -9.17
N ALA B 90 17.84 15.04 -10.12
CA ALA B 90 16.93 15.23 -11.23
C ALA B 90 16.38 13.87 -11.59
N VAL B 91 15.38 13.87 -12.47
CA VAL B 91 14.63 12.66 -12.82
C VAL B 91 14.66 12.38 -14.31
N GLN B 92 14.68 11.09 -14.65
CA GLN B 92 14.54 10.63 -16.02
C GLN B 92 13.18 9.91 -16.10
N PRO B 93 12.12 10.59 -16.62
CA PRO B 93 10.78 10.00 -16.67
C PRO B 93 10.67 8.66 -17.39
N SER B 94 11.46 8.49 -18.44
CA SER B 94 11.47 7.25 -19.23
C SER B 94 12.92 6.89 -19.61
N PRO B 95 13.23 5.59 -19.69
CA PRO B 95 14.60 5.17 -20.05
C PRO B 95 14.88 5.30 -21.56
N ASP B 96 15.07 6.53 -22.02
CA ASP B 96 15.20 6.85 -23.43
C ASP B 96 16.64 7.16 -23.85
N GLY B 97 17.62 6.67 -23.08
CA GLY B 97 19.01 6.65 -23.50
C GLY B 97 19.95 7.31 -22.52
N LEU B 98 21.19 6.82 -22.47
CA LEU B 98 22.19 7.33 -21.53
C LEU B 98 22.57 8.79 -21.84
N ALA B 99 22.56 9.16 -23.12
CA ALA B 99 22.86 10.54 -23.57
C ALA B 99 21.87 11.59 -23.05
N GLN B 100 20.67 11.13 -22.68
CA GLN B 100 19.65 11.96 -22.04
C GLN B 100 20.13 12.61 -20.74
N ALA B 101 21.08 11.97 -20.06
CA ALA B 101 21.78 12.56 -18.91
C ALA B 101 22.25 14.00 -19.15
N PHE B 102 22.74 14.28 -20.36
CA PHE B 102 23.24 15.61 -20.67
C PHE B 102 22.16 16.66 -20.99
N LEU B 103 20.96 16.20 -21.39
CA LEU B 103 19.82 17.10 -21.56
C LEU B 103 19.17 17.38 -20.21
N ILE B 104 18.91 16.33 -19.43
CA ILE B 104 18.38 16.48 -18.08
C ILE B 104 19.36 17.32 -17.27
N GLY B 105 20.65 17.07 -17.45
CA GLY B 105 21.68 17.76 -16.67
C GLY B 105 22.24 19.05 -17.25
N GLU B 106 21.68 19.53 -18.36
CA GLU B 106 22.22 20.71 -19.05
C GLU B 106 22.43 21.91 -18.12
N SER B 107 21.39 22.33 -17.40
CA SER B 107 21.55 23.52 -16.56
C SER B 107 22.50 23.25 -15.37
N PHE B 108 22.49 22.04 -14.82
CA PHE B 108 23.50 21.63 -13.83
C PHE B 108 24.95 21.79 -14.38
N ILE B 109 25.18 21.28 -15.58
CA ILE B 109 26.53 21.32 -16.18
C ILE B 109 26.96 22.79 -16.41
N GLY B 110 26.08 23.60 -17.00
CA GLY B 110 26.39 24.98 -17.32
C GLY B 110 27.53 25.08 -18.34
N ASN B 111 28.56 25.87 -18.01
CA ASN B 111 29.73 26.03 -18.88
C ASN B 111 30.94 25.16 -18.48
N ASP B 112 30.72 24.19 -17.60
CA ASP B 112 31.81 23.43 -16.98
C ASP B 112 32.14 22.14 -17.71
N LEU B 113 33.28 21.55 -17.33
CA LEU B 113 33.62 20.20 -17.75
C LEU B 113 32.66 19.24 -17.04
N SER B 114 32.54 18.01 -17.55
CA SER B 114 31.63 17.03 -16.96
C SER B 114 32.17 15.60 -16.99
N ALA B 115 31.60 14.75 -16.14
CA ALA B 115 31.87 13.32 -16.14
C ALA B 115 30.58 12.60 -15.80
N LEU B 116 30.29 11.56 -16.56
CA LEU B 116 29.13 10.72 -16.33
C LEU B 116 29.60 9.33 -15.90
N VAL B 117 28.98 8.81 -14.84
CA VAL B 117 29.18 7.41 -14.42
C VAL B 117 27.81 6.73 -14.34
N LEU B 118 27.74 5.48 -14.77
CA LEU B 118 26.49 4.73 -14.67
C LEU B 118 26.32 4.25 -13.25
N GLY B 119 25.09 4.36 -12.76
CA GLY B 119 24.79 4.10 -11.36
C GLY B 119 24.94 2.68 -10.91
N ASP B 120 25.10 1.75 -11.85
CA ASP B 120 25.25 0.31 -11.56
C ASP B 120 26.61 -0.27 -11.97
N ASN B 121 27.61 0.60 -12.13
CA ASN B 121 28.95 0.18 -12.54
C ASN B 121 29.88 0.19 -11.33
N LEU B 122 30.62 -0.92 -11.16
CA LEU B 122 31.61 -1.10 -10.08
C LEU B 122 33.00 -1.25 -10.69
N TYR B 123 33.94 -0.49 -10.14
CA TYR B 123 35.35 -0.58 -10.50
C TYR B 123 36.22 -0.87 -9.28
N TYR B 124 37.37 -1.52 -9.54
CA TYR B 124 38.38 -1.75 -8.54
C TYR B 124 39.75 -1.92 -9.20
N GLY B 125 40.76 -1.35 -8.59
CA GLY B 125 42.13 -1.72 -8.91
C GLY B 125 43.16 -0.72 -8.48
N HIS B 126 44.40 -1.11 -8.69
CA HIS B 126 45.55 -0.34 -8.25
C HIS B 126 45.74 0.91 -9.12
N ASP B 127 45.95 2.05 -8.47
CA ASP B 127 46.16 3.31 -9.17
C ASP B 127 44.92 3.75 -9.97
N PHE B 128 43.73 3.33 -9.56
CA PHE B 128 42.48 3.80 -10.15
C PHE B 128 42.40 5.32 -10.03
N HIS B 129 42.86 5.85 -8.89
CA HIS B 129 42.92 7.30 -8.67
C HIS B 129 43.71 8.03 -9.78
N GLU B 130 44.83 7.42 -10.19
CA GLU B 130 45.69 7.99 -11.22
C GLU B 130 45.06 7.87 -12.62
N LEU B 131 44.44 6.73 -12.92
CA LEU B 131 43.74 6.54 -14.19
C LEU B 131 42.63 7.60 -14.39
N LEU B 132 41.85 7.85 -13.35
CA LEU B 132 40.78 8.87 -13.40
C LEU B 132 41.36 10.28 -13.49
N GLY B 133 42.40 10.54 -12.69
CA GLY B 133 43.04 11.83 -12.62
C GLY B 133 43.61 12.28 -13.95
N SER B 134 44.20 11.34 -14.70
CA SER B 134 44.67 11.63 -16.07
C SER B 134 43.52 11.99 -17.00
N ALA B 135 42.43 11.23 -16.92
CA ALA B 135 41.23 11.55 -17.69
C ALA B 135 40.64 12.91 -17.29
N SER B 136 40.50 13.16 -15.99
CA SER B 136 39.91 14.42 -15.50
C SER B 136 40.76 15.65 -15.85
N GLN B 137 42.09 15.47 -15.86
CA GLN B 137 43.06 16.51 -16.26
C GLN B 137 42.92 17.05 -17.69
N ARG B 138 42.52 16.20 -18.63
CA ARG B 138 42.30 16.63 -20.01
C ARG B 138 41.13 17.59 -20.05
N GLN B 139 41.40 18.84 -20.42
CA GLN B 139 40.38 19.88 -20.43
C GLN B 139 39.67 20.02 -21.78
N THR B 140 40.21 19.38 -22.82
CA THR B 140 39.57 19.38 -24.13
C THR B 140 39.32 17.95 -24.55
N GLY B 141 38.35 17.76 -25.43
CA GLY B 141 38.01 16.44 -25.91
C GLY B 141 37.20 15.63 -24.89
N ALA B 142 37.08 14.34 -25.20
CA ALA B 142 36.43 13.35 -24.34
C ALA B 142 37.38 12.20 -24.04
N SER B 143 37.20 11.59 -22.87
CA SER B 143 37.96 10.39 -22.47
C SER B 143 37.01 9.28 -22.04
N VAL B 144 37.24 8.09 -22.60
CA VAL B 144 36.56 6.86 -22.20
C VAL B 144 37.60 5.74 -21.97
N PHE B 145 37.12 4.62 -21.46
CA PHE B 145 37.92 3.48 -21.19
C PHE B 145 37.38 2.26 -21.93
N ALA B 146 38.29 1.51 -22.55
CA ALA B 146 38.00 0.26 -23.22
C ALA B 146 38.55 -0.89 -22.36
N TYR B 147 37.74 -1.93 -22.19
CA TYR B 147 38.04 -3.03 -21.26
C TYR B 147 37.72 -4.33 -21.99
N HIS B 148 38.63 -5.27 -21.95
CA HIS B 148 38.44 -6.56 -22.61
C HIS B 148 37.38 -7.36 -21.85
N VAL B 149 36.35 -7.80 -22.57
CA VAL B 149 35.25 -8.58 -22.00
C VAL B 149 34.97 -9.82 -22.84
N LEU B 150 34.30 -10.80 -22.24
CA LEU B 150 33.88 -12.01 -22.95
C LEU B 150 32.74 -11.76 -23.96
N ASP B 151 31.90 -10.76 -23.68
CA ASP B 151 30.63 -10.60 -24.40
C ASP B 151 30.50 -9.17 -24.91
N PRO B 152 31.38 -8.76 -25.86
CA PRO B 152 31.38 -7.35 -26.29
C PRO B 152 30.08 -6.86 -26.92
N GLU B 153 29.34 -7.79 -27.56
CA GLU B 153 28.03 -7.48 -28.18
C GLU B 153 27.01 -6.81 -27.24
N ARG B 154 27.20 -6.91 -25.93
CA ARG B 154 26.32 -6.21 -24.98
C ARG B 154 26.61 -4.72 -24.88
N TYR B 155 27.73 -4.24 -25.44
CA TYR B 155 28.25 -2.91 -25.13
C TYR B 155 28.53 -2.07 -26.37
N GLY B 156 29.01 -0.85 -26.12
CA GLY B 156 29.71 -0.07 -27.14
C GLY B 156 31.09 -0.70 -27.36
N VAL B 157 31.38 -1.07 -28.60
CA VAL B 157 32.56 -1.83 -28.95
C VAL B 157 33.48 -0.92 -29.71
N VAL B 158 34.75 -0.89 -29.30
CA VAL B 158 35.75 -0.04 -29.94
C VAL B 158 36.69 -0.91 -30.79
N GLU B 159 36.81 -0.54 -32.07
CA GLU B 159 37.77 -1.17 -32.98
C GLU B 159 39.03 -0.31 -33.07
N PHE B 160 40.19 -0.95 -32.98
CA PHE B 160 41.50 -0.32 -33.11
C PHE B 160 42.21 -0.76 -34.38
N ASP B 161 43.06 0.12 -34.93
CA ASP B 161 43.94 -0.26 -36.05
C ASP B 161 45.19 -0.96 -35.51
N GLN B 162 46.13 -1.31 -36.39
CA GLN B 162 47.37 -1.99 -35.96
C GLN B 162 48.26 -1.14 -35.06
N GLY B 163 48.16 0.18 -35.17
CA GLY B 163 48.92 1.08 -34.29
C GLY B 163 48.34 1.32 -32.90
N GLY B 164 47.17 0.74 -32.61
CA GLY B 164 46.48 0.96 -31.35
C GLY B 164 45.49 2.13 -31.34
N LYS B 165 45.26 2.76 -32.49
CA LYS B 165 44.34 3.91 -32.57
C LYS B 165 42.88 3.47 -32.75
N ALA B 166 41.98 4.05 -31.95
CA ALA B 166 40.54 3.76 -32.09
C ALA B 166 40.02 4.32 -33.44
N ILE B 167 39.42 3.47 -34.25
CA ILE B 167 38.92 3.85 -35.58
C ILE B 167 37.42 3.67 -35.79
N SER B 168 36.74 2.92 -34.93
CA SER B 168 35.26 2.86 -34.96
C SER B 168 34.67 2.48 -33.58
N LEU B 169 33.45 2.98 -33.34
CA LEU B 169 32.62 2.58 -32.21
C LEU B 169 31.30 2.08 -32.76
N GLU B 170 30.83 0.94 -32.27
CA GLU B 170 29.51 0.40 -32.61
C GLU B 170 28.76 -0.04 -31.36
N GLU B 171 27.49 0.35 -31.28
CA GLU B 171 26.65 0.04 -30.13
C GLU B 171 25.97 -1.31 -30.35
N LYS B 172 26.24 -2.25 -29.43
CA LYS B 172 25.72 -3.60 -29.50
C LYS B 172 25.75 -4.20 -30.92
N PRO B 173 26.96 -4.33 -31.50
CA PRO B 173 27.03 -4.89 -32.84
C PRO B 173 26.71 -6.39 -32.83
N LEU B 174 26.06 -6.88 -33.89
CA LEU B 174 25.83 -8.33 -34.04
C LEU B 174 27.12 -9.09 -34.34
N GLU B 175 28.11 -8.41 -34.92
CA GLU B 175 29.42 -8.97 -35.16
C GLU B 175 30.47 -7.98 -34.63
N PRO B 176 30.75 -8.04 -33.31
CA PRO B 176 31.73 -7.11 -32.73
C PRO B 176 33.08 -7.17 -33.44
N LYS B 177 33.69 -6.00 -33.63
CA LYS B 177 34.97 -5.88 -34.32
C LYS B 177 36.14 -6.19 -33.39
N SER B 178 35.93 -6.09 -32.08
CA SER B 178 36.90 -6.55 -31.10
C SER B 178 36.17 -7.02 -29.84
N ASN B 179 36.96 -7.42 -28.83
CA ASN B 179 36.43 -7.73 -27.48
C ASN B 179 36.51 -6.58 -26.49
N TYR B 180 36.74 -5.36 -27.00
CA TYR B 180 36.92 -4.17 -26.17
C TYR B 180 35.63 -3.36 -26.09
N ALA B 181 35.13 -3.28 -24.85
CA ALA B 181 33.87 -2.64 -24.50
C ALA B 181 34.15 -1.30 -23.86
N VAL B 182 33.34 -0.29 -24.19
CA VAL B 182 33.44 1.01 -23.53
C VAL B 182 32.80 0.91 -22.15
N THR B 183 33.54 1.23 -21.09
CA THR B 183 32.99 1.13 -19.73
C THR B 183 32.01 2.28 -19.43
N GLY B 184 31.28 2.17 -18.33
CA GLY B 184 30.26 3.16 -17.99
C GLY B 184 30.82 4.35 -17.26
N LEU B 185 31.86 4.95 -17.82
CA LEU B 185 32.54 6.08 -17.23
C LEU B 185 33.07 6.99 -18.32
N TYR B 186 32.61 8.23 -18.34
CA TYR B 186 32.83 9.11 -19.47
C TYR B 186 33.18 10.51 -18.98
N PHE B 187 34.26 11.07 -19.56
CA PHE B 187 34.72 12.42 -19.26
C PHE B 187 34.53 13.28 -20.50
N TYR B 188 33.91 14.45 -20.33
CA TYR B 188 33.59 15.31 -21.48
C TYR B 188 34.02 16.72 -21.21
N ASP B 189 34.31 17.43 -22.30
CA ASP B 189 34.60 18.86 -22.24
C ASP B 189 33.27 19.62 -22.35
N GLN B 190 33.34 20.90 -22.67
CA GLN B 190 32.16 21.76 -22.78
C GLN B 190 31.30 21.52 -24.03
N GLN B 191 31.67 20.59 -24.91
CA GLN B 191 30.95 20.33 -26.15
C GLN B 191 29.80 19.31 -26.02
N VAL B 192 29.77 18.53 -24.94
CA VAL B 192 28.87 17.37 -24.87
C VAL B 192 27.36 17.72 -24.88
N VAL B 193 26.97 18.79 -24.20
CA VAL B 193 25.55 19.18 -24.14
C VAL B 193 25.06 19.49 -25.54
N ASP B 194 25.84 20.31 -26.27
CA ASP B 194 25.51 20.70 -27.63
C ASP B 194 25.48 19.52 -28.62
N ILE B 195 26.37 18.54 -28.42
CA ILE B 195 26.34 17.30 -29.21
C ILE B 195 25.08 16.50 -28.86
N ALA B 196 24.78 16.36 -27.57
CA ALA B 196 23.58 15.64 -27.09
C ALA B 196 22.28 16.29 -27.58
N ARG B 197 22.23 17.62 -27.55
CA ARG B 197 21.07 18.36 -28.06
C ARG B 197 20.72 18.09 -29.53
N ASP B 198 21.72 17.74 -30.33
CA ASP B 198 21.53 17.37 -31.74
C ASP B 198 21.33 15.88 -32.04
N LEU B 199 21.49 15.01 -31.06
CA LEU B 199 21.27 13.58 -31.30
C LEU B 199 19.83 13.30 -31.71
N LYS B 200 19.67 12.35 -32.62
CA LYS B 200 18.36 11.81 -32.97
C LYS B 200 18.27 10.42 -32.33
N PRO B 201 17.06 9.96 -31.97
CA PRO B 201 16.96 8.60 -31.46
C PRO B 201 17.43 7.54 -32.46
N SER B 202 18.10 6.50 -31.95
CA SER B 202 18.56 5.38 -32.75
C SER B 202 17.38 4.49 -33.16
N PRO B 203 17.62 3.46 -34.02
CA PRO B 203 16.56 2.47 -34.32
C PRO B 203 15.92 1.80 -33.09
N ARG B 204 16.71 1.60 -32.03
CA ARG B 204 16.20 1.03 -30.77
C ARG B 204 15.30 2.01 -30.00
N GLY B 205 15.36 3.29 -30.36
CA GLY B 205 14.50 4.33 -29.78
C GLY B 205 15.19 5.17 -28.69
N GLU B 206 16.52 5.21 -28.71
CA GLU B 206 17.31 5.82 -27.62
C GLU B 206 18.25 6.92 -28.10
N LEU B 207 18.55 7.85 -27.19
CA LEU B 207 19.61 8.81 -27.37
C LEU B 207 20.89 8.15 -26.84
N GLU B 208 21.75 7.77 -27.78
CA GLU B 208 22.87 6.89 -27.53
C GLU B 208 24.12 7.62 -27.07
N ILE B 209 24.69 7.19 -25.96
CA ILE B 209 25.99 7.70 -25.53
C ILE B 209 27.07 7.38 -26.58
N THR B 210 26.94 6.24 -27.24
CA THR B 210 27.88 5.84 -28.31
C THR B 210 27.87 6.82 -29.51
N ASP B 211 26.73 7.45 -29.79
CA ASP B 211 26.68 8.52 -30.79
C ASP B 211 27.39 9.79 -30.32
N VAL B 212 27.28 10.12 -29.03
CA VAL B 212 28.06 11.22 -28.44
C VAL B 212 29.56 10.94 -28.66
N ASN B 213 29.96 9.73 -28.30
CA ASN B 213 31.37 9.34 -28.35
C ASN B 213 31.89 9.27 -29.78
N ARG B 214 31.07 8.79 -30.71
CA ARG B 214 31.41 8.83 -32.14
C ARG B 214 31.58 10.26 -32.67
N ALA B 215 30.77 11.21 -32.16
CA ALA B 215 30.93 12.63 -32.53
C ALA B 215 32.31 13.15 -32.16
N TYR B 216 32.80 12.82 -30.97
CA TYR B 216 34.17 13.16 -30.61
C TYR B 216 35.18 12.39 -31.46
N LEU B 217 34.93 11.09 -31.69
CA LEU B 217 35.83 10.28 -32.51
C LEU B 217 36.01 10.84 -33.93
N GLU B 218 34.92 11.27 -34.56
CA GLU B 218 34.97 11.84 -35.92
C GLU B 218 35.87 13.07 -36.04
N ARG B 219 35.97 13.84 -34.95
CA ARG B 219 36.86 15.01 -34.87
C ARG B 219 38.24 14.71 -34.30
N GLY B 220 38.59 13.43 -34.15
CA GLY B 220 39.84 13.05 -33.50
C GLY B 220 39.93 13.49 -32.05
N GLN B 221 38.79 13.70 -31.38
CA GLN B 221 38.79 14.24 -30.03
C GLN B 221 38.37 13.22 -28.95
N LEU B 222 38.33 11.94 -29.30
CA LEU B 222 38.02 10.87 -28.35
C LEU B 222 39.29 10.15 -27.94
N SER B 223 39.67 10.31 -26.69
CA SER B 223 40.76 9.57 -26.10
C SER B 223 40.16 8.25 -25.60
N VAL B 224 40.55 7.13 -26.21
CA VAL B 224 40.16 5.79 -25.72
C VAL B 224 41.36 5.17 -25.00
N GLU B 225 41.37 5.23 -23.66
CA GLU B 225 42.44 4.61 -22.87
C GLU B 225 42.02 3.18 -22.49
N ILE B 226 42.99 2.27 -22.51
CA ILE B 226 42.73 0.89 -22.10
C ILE B 226 42.69 0.82 -20.60
N MET B 227 41.60 0.29 -20.06
CA MET B 227 41.52 -0.13 -18.68
C MET B 227 42.03 -1.55 -18.68
N GLY B 228 43.21 -1.75 -18.09
CA GLY B 228 43.89 -3.01 -18.14
C GLY B 228 43.17 -4.15 -17.43
N ARG B 229 43.53 -5.36 -17.80
CA ARG B 229 43.02 -6.60 -17.20
C ARG B 229 43.29 -6.74 -15.70
N GLY B 230 44.22 -5.94 -15.18
CA GLY B 230 44.47 -5.86 -13.73
C GLY B 230 43.45 -5.04 -12.94
N TYR B 231 42.55 -4.35 -13.64
CA TYR B 231 41.37 -3.71 -13.06
C TYR B 231 40.17 -4.65 -13.17
N ALA B 232 39.28 -4.56 -12.19
CA ALA B 232 37.99 -5.20 -12.21
C ALA B 232 36.93 -4.15 -12.54
N TRP B 233 36.24 -4.37 -13.67
CA TRP B 233 35.01 -3.68 -14.00
C TRP B 233 33.97 -4.79 -13.87
N LEU B 234 33.17 -4.74 -12.80
CA LEU B 234 32.27 -5.83 -12.48
C LEU B 234 30.91 -5.62 -13.14
N ASP B 235 30.28 -6.75 -13.47
CA ASP B 235 29.06 -6.82 -14.24
C ASP B 235 27.90 -6.87 -13.23
N THR B 236 26.96 -5.93 -13.29
CA THR B 236 25.69 -6.00 -12.50
C THR B 236 24.41 -6.20 -13.35
N GLY B 237 24.56 -6.64 -14.59
CA GLY B 237 23.43 -6.74 -15.52
C GLY B 237 22.49 -7.90 -15.31
N THR B 238 22.94 -8.95 -14.58
CA THR B 238 22.11 -10.15 -14.35
C THR B 238 22.11 -10.52 -12.85
N HIS B 239 21.15 -11.34 -12.45
CA HIS B 239 21.11 -11.83 -11.06
C HIS B 239 22.41 -12.55 -10.74
N ASP B 240 22.88 -13.40 -11.66
CA ASP B 240 24.17 -14.11 -11.48
C ASP B 240 25.33 -13.15 -11.28
N SER B 241 25.43 -12.15 -12.14
CA SER B 241 26.55 -11.21 -12.07
C SER B 241 26.47 -10.27 -10.85
N LEU B 242 25.26 -9.92 -10.42
CA LEU B 242 25.07 -9.12 -9.19
C LEU B 242 25.59 -9.87 -7.96
N LEU B 243 25.32 -11.17 -7.95
CA LEU B 243 25.80 -12.06 -6.92
C LEU B 243 27.33 -12.19 -6.90
N GLU B 244 27.92 -12.34 -8.08
CA GLU B 244 29.40 -12.33 -8.24
C GLU B 244 30.07 -11.04 -7.75
N ALA B 245 29.44 -9.89 -7.99
CA ALA B 245 29.98 -8.60 -7.55
C ALA B 245 30.08 -8.53 -6.03
N GLY B 246 29.03 -9.00 -5.35
CA GLY B 246 28.98 -9.11 -3.88
C GLY B 246 30.01 -10.05 -3.29
N GLN B 247 30.25 -11.18 -3.93
CA GLN B 247 31.27 -12.13 -3.51
CA GLN B 247 31.28 -12.15 -3.49
C GLN B 247 32.67 -11.58 -3.71
N PHE B 248 32.82 -10.79 -4.77
CA PHE B 248 34.11 -10.19 -5.10
C PHE B 248 34.48 -9.13 -4.07
N ILE B 249 33.56 -8.21 -3.78
CA ILE B 249 33.78 -7.17 -2.81
C ILE B 249 34.01 -7.78 -1.43
N ALA B 250 33.19 -8.77 -1.07
CA ALA B 250 33.31 -9.47 0.22
C ALA B 250 34.68 -10.10 0.42
N THR B 251 35.17 -10.80 -0.59
CA THR B 251 36.47 -11.44 -0.53
C THR B 251 37.62 -10.41 -0.35
N LEU B 252 37.54 -9.28 -1.04
CA LEU B 252 38.53 -8.20 -0.86
C LEU B 252 38.49 -7.58 0.54
N GLU B 253 37.30 -7.20 0.99
CA GLU B 253 37.14 -6.53 2.28
C GLU B 253 37.45 -7.41 3.50
N ASN B 254 37.11 -8.69 3.42
CA ASN B 254 37.39 -9.62 4.52
C ASN B 254 38.86 -10.06 4.58
N ARG B 255 39.53 -10.08 3.43
CA ARG B 255 40.97 -10.31 3.34
C ARG B 255 41.76 -9.13 3.93
N GLN B 256 41.37 -7.91 3.54
CA GLN B 256 42.11 -6.69 3.85
C GLN B 256 41.83 -6.01 5.17
N GLY B 257 40.61 -6.18 5.71
CA GLY B 257 40.11 -5.29 6.74
C GLY B 257 39.96 -3.84 6.28
N LEU B 258 39.76 -3.65 4.96
CA LEU B 258 39.62 -2.33 4.33
C LEU B 258 38.42 -2.39 3.37
N LYS B 259 37.69 -1.28 3.22
CA LYS B 259 36.50 -1.26 2.38
C LYS B 259 36.79 -0.75 0.97
N VAL B 260 36.02 -1.25 0.01
CA VAL B 260 36.03 -0.72 -1.35
C VAL B 260 34.88 0.24 -1.44
N ALA B 261 35.16 1.47 -1.89
CA ALA B 261 34.16 2.50 -2.14
C ALA B 261 33.31 2.86 -0.92
N CYS B 262 33.97 3.06 0.22
CA CYS B 262 33.36 3.72 1.38
C CYS B 262 33.45 5.24 1.14
N PRO B 263 32.30 5.91 0.90
CA PRO B 263 32.38 7.34 0.57
C PRO B 263 32.94 8.20 1.70
N GLU B 264 32.60 7.86 2.95
CA GLU B 264 33.10 8.59 4.10
C GLU B 264 34.64 8.55 4.09
N GLU B 265 35.20 7.39 3.80
CA GLU B 265 36.66 7.21 3.70
C GLU B 265 37.26 8.05 2.58
N ILE B 266 36.61 8.07 1.42
CA ILE B 266 37.13 8.82 0.29
C ILE B 266 37.10 10.31 0.59
N ALA B 267 36.01 10.82 1.16
CA ALA B 267 35.92 12.23 1.57
C ALA B 267 37.04 12.60 2.54
N TYR B 268 37.24 11.75 3.55
CA TYR B 268 38.29 11.94 4.55
C TYR B 268 39.68 11.96 3.93
N ARG B 269 39.97 10.99 3.05
CA ARG B 269 41.28 10.93 2.39
C ARG B 269 41.50 12.07 1.39
N GLN B 270 40.44 12.56 0.75
CA GLN B 270 40.50 13.79 -0.04
C GLN B 270 40.62 15.07 0.80
N LYS B 271 40.42 14.94 2.11
CA LYS B 271 40.42 16.05 3.06
C LYS B 271 39.25 16.99 2.83
N TRP B 272 38.15 16.44 2.31
CA TRP B 272 36.91 17.18 2.15
C TRP B 272 36.13 17.21 3.48
N ILE B 273 36.45 16.28 4.37
CA ILE B 273 35.96 16.35 5.75
C ILE B 273 37.14 16.09 6.66
N ASP B 274 37.07 16.60 7.88
CA ASP B 274 38.13 16.40 8.88
C ASP B 274 37.81 15.28 9.88
N ALA B 275 38.77 15.00 10.77
CA ALA B 275 38.66 13.97 11.80
C ALA B 275 37.45 14.13 12.68
N ALA B 276 37.14 15.35 13.07
CA ALA B 276 35.95 15.65 13.87
C ALA B 276 34.67 15.33 13.10
N GLN B 277 34.61 15.69 11.82
CA GLN B 277 33.41 15.36 11.02
C GLN B 277 33.27 13.84 10.81
N LEU B 278 34.35 13.14 10.46
CA LEU B 278 34.33 11.68 10.37
C LEU B 278 33.90 10.99 11.68
N GLU B 279 34.35 11.53 12.82
CA GLU B 279 33.96 10.99 14.12
C GLU B 279 32.44 11.08 14.36
N LYS B 280 31.84 12.20 13.99
CA LYS B 280 30.38 12.34 14.04
C LYS B 280 29.68 11.32 13.12
N LEU B 281 30.19 11.14 11.91
CA LEU B 281 29.63 10.15 10.97
C LEU B 281 29.70 8.70 11.48
N ALA B 282 30.72 8.40 12.28
CA ALA B 282 30.87 7.08 12.89
C ALA B 282 29.87 6.78 14.00
N ALA B 283 29.22 7.82 14.55
CA ALA B 283 28.36 7.66 15.73
C ALA B 283 27.12 6.81 15.48
N PRO B 284 26.27 7.16 14.49
CA PRO B 284 25.01 6.39 14.34
C PRO B 284 25.20 4.90 14.08
N LEU B 285 26.30 4.54 13.43
CA LEU B 285 26.58 3.15 13.07
C LEU B 285 27.57 2.48 14.03
N ALA B 286 27.83 3.07 15.19
CA ALA B 286 28.89 2.57 16.10
C ALA B 286 28.73 1.10 16.52
N LYS B 287 27.49 0.62 16.63
CA LYS B 287 27.22 -0.76 17.01
C LYS B 287 27.41 -1.81 15.90
N ASN B 288 27.58 -1.40 14.63
CA ASN B 288 27.85 -2.38 13.56
C ASN B 288 29.24 -2.20 12.93
N GLY B 289 29.57 -3.10 12.01
CA GLY B 289 30.88 -3.11 11.35
C GLY B 289 31.21 -1.83 10.61
N TYR B 290 30.21 -1.20 10.01
CA TYR B 290 30.45 -0.04 9.16
C TYR B 290 30.90 1.18 10.00
N GLY B 291 30.21 1.47 11.10
CA GLY B 291 30.65 2.53 12.01
C GLY B 291 31.96 2.23 12.72
N GLN B 292 32.17 0.97 13.08
CA GLN B 292 33.46 0.57 13.67
C GLN B 292 34.61 0.86 12.71
N TYR B 293 34.40 0.54 11.43
CA TYR B 293 35.36 0.81 10.37
C TYR B 293 35.69 2.28 10.29
N LEU B 294 34.66 3.13 10.28
CA LEU B 294 34.85 4.58 10.25
C LEU B 294 35.65 5.09 11.45
N LYS B 295 35.38 4.53 12.62
CA LYS B 295 36.09 4.89 13.83
C LYS B 295 37.57 4.51 13.73
N ARG B 296 37.85 3.30 13.27
CA ARG B 296 39.25 2.85 13.07
C ARG B 296 40.04 3.74 12.09
N LEU B 297 39.38 4.29 11.06
CA LEU B 297 40.04 5.20 10.12
C LEU B 297 40.66 6.46 10.78
N LEU B 298 40.11 6.89 11.92
CA LEU B 298 40.63 8.07 12.64
C LEU B 298 42.03 7.92 13.23
N THR B 299 42.45 6.68 13.56
CA THR B 299 43.73 6.45 14.22
C THR B 299 44.71 5.51 13.49
N GLU B 300 44.26 4.81 12.45
CA GLU B 300 45.15 3.93 11.67
C GLU B 300 45.72 4.64 10.45
N THR B 301 47.02 4.54 10.24
CA THR B 301 47.64 4.97 8.99
C THR B 301 47.47 3.83 7.97
N VAL B 302 46.79 4.11 6.86
CA VAL B 302 46.64 3.15 5.76
C VAL B 302 47.27 3.77 4.55
N TYR B 303 48.23 3.07 3.94
CA TYR B 303 48.97 3.58 2.78
C TYR B 303 48.24 3.27 1.49
N HIS C 3 26.52 25.26 3.59
CA HIS C 3 25.39 24.91 2.67
C HIS C 3 25.31 25.81 1.45
N HIS C 4 24.91 25.22 0.32
CA HIS C 4 24.83 25.91 -0.96
C HIS C 4 23.39 25.83 -1.46
N HIS C 5 22.96 26.84 -2.21
CA HIS C 5 21.62 26.90 -2.78
C HIS C 5 21.67 26.78 -4.32
N HIS C 6 20.68 26.08 -4.89
CA HIS C 6 20.54 25.91 -6.35
C HIS C 6 19.10 26.11 -6.78
N LYS C 12 10.99 25.25 -1.06
CA LYS C 12 10.04 24.14 -1.13
C LYS C 12 8.99 24.22 -0.02
N ARG C 13 7.74 23.93 -0.35
CA ARG C 13 6.67 23.84 0.65
C ARG C 13 6.13 22.42 0.66
N LYS C 14 6.09 21.82 1.85
CA LYS C 14 5.65 20.44 2.04
C LYS C 14 4.27 20.40 2.69
N GLY C 15 3.49 19.38 2.37
CA GLY C 15 2.10 19.31 2.81
C GLY C 15 1.89 18.32 3.93
N ILE C 16 0.92 18.60 4.79
CA ILE C 16 0.48 17.63 5.81
C ILE C 16 -1.05 17.51 5.80
N ILE C 17 -1.54 16.27 5.71
CA ILE C 17 -2.97 15.97 5.85
C ILE C 17 -3.14 15.25 7.17
N LEU C 18 -3.93 15.86 8.05
CA LEU C 18 -4.29 15.23 9.30
C LEU C 18 -5.59 14.47 9.06
N ALA C 19 -5.47 13.14 8.99
CA ALA C 19 -6.60 12.26 8.70
C ALA C 19 -6.80 11.36 9.91
N GLY C 20 -7.02 11.99 11.06
CA GLY C 20 -7.02 11.30 12.34
C GLY C 20 -8.27 10.52 12.67
N GLY C 21 -8.26 9.95 13.87
CA GLY C 21 -9.37 9.16 14.39
C GLY C 21 -10.51 10.05 14.83
N SER C 22 -11.68 9.87 14.20
CA SER C 22 -12.88 10.67 14.51
C SER C 22 -13.68 10.11 15.71
N GLY C 23 -13.02 9.30 16.55
CA GLY C 23 -13.66 8.70 17.72
C GLY C 23 -14.81 7.80 17.34
N THR C 24 -15.85 7.82 18.16
CA THR C 24 -17.06 7.03 17.94
C THR C 24 -18.24 7.91 17.48
N ARG C 25 -17.95 9.16 17.09
CA ARG C 25 -18.99 10.16 16.77
C ARG C 25 -19.88 9.78 15.58
N LEU C 26 -19.28 9.15 14.57
CA LEU C 26 -19.99 8.75 13.34
C LEU C 26 -20.32 7.25 13.27
N HIS C 27 -20.07 6.52 14.36
CA HIS C 27 -20.39 5.09 14.43
C HIS C 27 -21.91 4.90 14.28
N PRO C 28 -22.35 3.80 13.65
CA PRO C 28 -21.53 2.67 13.21
C PRO C 28 -20.92 2.76 11.81
N ALA C 29 -21.26 3.80 11.04
CA ALA C 29 -20.68 4.00 9.70
C ALA C 29 -19.15 3.85 9.68
N THR C 30 -18.51 4.43 10.70
CA THR C 30 -17.06 4.46 10.80
C THR C 30 -16.42 3.24 11.52
N LEU C 31 -17.22 2.36 12.11
CA LEU C 31 -16.73 1.04 12.56
C LEU C 31 -16.16 0.27 11.37
N ALA C 32 -16.83 0.38 10.23
CA ALA C 32 -16.40 -0.25 8.98
C ALA C 32 -15.15 0.37 8.34
N ILE C 33 -15.00 1.69 8.40
CA ILE C 33 -13.79 2.39 7.89
C ILE C 33 -13.64 3.80 8.48
N SER C 34 -12.40 4.29 8.61
CA SER C 34 -12.16 5.67 9.08
C SER C 34 -12.80 6.75 8.22
N LYS C 35 -13.09 7.86 8.89
CA LYS C 35 -13.91 8.92 8.35
C LYS C 35 -13.44 9.40 7.00
N GLN C 36 -12.13 9.64 6.87
CA GLN C 36 -11.58 10.23 5.66
C GLN C 36 -11.43 9.21 4.52
N LEU C 37 -11.76 7.95 4.78
CA LEU C 37 -11.94 6.96 3.71
C LEU C 37 -13.36 6.86 3.20
N LEU C 38 -14.34 7.42 3.93
CA LEU C 38 -15.73 7.43 3.49
C LEU C 38 -15.87 8.33 2.28
N PRO C 39 -16.73 7.94 1.32
CA PRO C 39 -16.80 8.78 0.13
C PRO C 39 -17.65 10.06 0.28
N VAL C 40 -17.24 11.12 -0.42
CA VAL C 40 -18.10 12.26 -0.70
C VAL C 40 -18.53 12.09 -2.15
N TYR C 41 -19.81 11.78 -2.35
CA TYR C 41 -20.33 11.32 -3.63
C TYR C 41 -19.59 10.09 -4.21
N ASP C 42 -18.59 10.28 -5.06
CA ASP C 42 -17.98 9.22 -5.87
C ASP C 42 -16.51 8.96 -5.52
N LYS C 43 -15.96 9.72 -4.56
CA LYS C 43 -14.54 9.56 -4.24
C LYS C 43 -14.28 9.63 -2.74
N PRO C 44 -13.24 8.89 -2.28
CA PRO C 44 -12.85 8.98 -0.87
C PRO C 44 -12.65 10.41 -0.40
N MET C 45 -13.08 10.70 0.84
CA MET C 45 -13.02 12.07 1.39
C MET C 45 -11.63 12.67 1.25
N ILE C 46 -10.62 11.85 1.52
CA ILE C 46 -9.23 12.32 1.46
C ILE C 46 -8.80 12.88 0.09
N TYR C 47 -9.46 12.44 -0.98
CA TYR C 47 -9.23 13.02 -2.30
C TYR C 47 -9.37 14.56 -2.35
N TYR C 48 -10.27 15.12 -1.54
CA TYR C 48 -10.55 16.56 -1.57
C TYR C 48 -9.42 17.40 -0.95
N PRO C 49 -9.00 17.10 0.29
CA PRO C 49 -7.84 17.82 0.81
C PRO C 49 -6.55 17.54 0.05
N LEU C 50 -6.37 16.30 -0.41
CA LEU C 50 -5.22 15.96 -1.23
C LEU C 50 -5.15 16.81 -2.50
N SER C 51 -6.29 16.90 -3.19
CA SER C 51 -6.42 17.71 -4.38
C SER C 51 -6.19 19.18 -4.08
N THR C 52 -6.59 19.61 -2.89
CA THR C 52 -6.39 20.98 -2.44
C THR C 52 -4.91 21.32 -2.30
N LEU C 53 -4.15 20.44 -1.64
CA LEU C 53 -2.71 20.65 -1.54
C LEU C 53 -2.07 20.63 -2.91
N MET C 54 -2.50 19.68 -3.76
CA MET C 54 -2.01 19.59 -5.13
C MET C 54 -2.26 20.88 -5.93
N LEU C 55 -3.46 21.44 -5.80
CA LEU C 55 -3.79 22.74 -6.43
C LEU C 55 -2.87 23.85 -5.95
N ALA C 56 -2.50 23.82 -4.67
CA ALA C 56 -1.52 24.77 -4.14
C ALA C 56 -0.07 24.55 -4.64
N GLY C 57 0.16 23.54 -5.46
CA GLY C 57 1.47 23.24 -6.03
C GLY C 57 2.33 22.34 -5.16
N ILE C 58 1.72 21.63 -4.21
CA ILE C 58 2.46 20.87 -3.23
C ILE C 58 2.45 19.40 -3.68
N ARG C 59 3.64 18.82 -3.78
CA ARG C 59 3.85 17.43 -4.23
C ARG C 59 4.32 16.47 -3.15
N GLU C 60 5.01 16.99 -2.14
CA GLU C 60 5.57 16.19 -1.06
C GLU C 60 4.64 16.35 0.11
N ILE C 61 3.94 15.26 0.44
CA ILE C 61 2.81 15.31 1.40
C ILE C 61 2.90 14.18 2.43
N LEU C 62 2.82 14.54 3.71
CA LEU C 62 2.73 13.57 4.82
C LEU C 62 1.27 13.37 5.26
N ILE C 63 0.81 12.11 5.28
CA ILE C 63 -0.51 11.77 5.77
C ILE C 63 -0.35 11.19 7.16
N ILE C 64 -0.99 11.83 8.14
CA ILE C 64 -0.95 11.39 9.53
C ILE C 64 -2.30 10.77 9.88
N SER C 65 -2.28 9.53 10.37
CA SER C 65 -3.51 8.82 10.73
C SER C 65 -3.20 7.81 11.81
N THR C 66 -4.21 7.13 12.31
CA THR C 66 -4.01 6.15 13.38
C THR C 66 -3.20 4.95 12.88
N PRO C 67 -2.60 4.18 13.81
CA PRO C 67 -1.90 2.96 13.37
C PRO C 67 -2.77 2.06 12.49
N GLN C 68 -4.04 1.97 12.81
CA GLN C 68 -4.97 1.08 12.11
C GLN C 68 -5.36 1.62 10.74
N ASP C 69 -5.46 2.94 10.61
CA ASP C 69 -5.88 3.54 9.36
C ASP C 69 -4.75 3.74 8.38
N THR C 70 -3.53 3.91 8.89
CA THR C 70 -2.37 4.12 8.04
C THR C 70 -2.28 3.15 6.84
N PRO C 71 -2.30 1.83 7.09
CA PRO C 71 -2.21 0.92 5.93
C PRO C 71 -3.39 1.02 4.96
N ARG C 72 -4.55 1.45 5.44
CA ARG C 72 -5.72 1.63 4.59
C ARG C 72 -5.55 2.82 3.65
N PHE C 73 -5.06 3.96 4.17
CA PHE C 73 -4.70 5.09 3.30
C PHE C 73 -3.57 4.70 2.32
N GLN C 74 -2.61 3.93 2.82
CA GLN C 74 -1.52 3.42 1.98
C GLN C 74 -2.02 2.52 0.84
N GLN C 75 -2.97 1.65 1.11
CA GLN C 75 -3.57 0.83 0.06
C GLN C 75 -4.28 1.71 -0.97
N LEU C 76 -4.99 2.75 -0.52
CA LEU C 76 -5.69 3.65 -1.45
C LEU C 76 -4.76 4.46 -2.34
N LEU C 77 -3.73 5.05 -1.74
CA LEU C 77 -2.93 6.11 -2.36
C LEU C 77 -1.51 5.71 -2.74
N GLY C 78 -0.94 4.71 -2.09
CA GLY C 78 0.43 4.32 -2.38
C GLY C 78 1.41 5.40 -1.97
N ASP C 79 2.54 5.44 -2.66
CA ASP C 79 3.54 6.48 -2.41
C ASP C 79 3.29 7.77 -3.20
N GLY C 80 2.24 7.81 -4.01
CA GLY C 80 1.88 9.00 -4.78
C GLY C 80 2.53 9.12 -6.16
N SER C 81 3.48 8.24 -6.46
CA SER C 81 4.34 8.39 -7.64
C SER C 81 3.57 8.22 -8.94
N ASN C 82 2.49 7.47 -8.92
CA ASN C 82 1.57 7.39 -10.06
C ASN C 82 0.92 8.74 -10.43
N TRP C 83 0.81 9.65 -9.46
CA TRP C 83 0.24 10.97 -9.67
C TRP C 83 1.31 12.08 -9.64
N GLY C 84 2.60 11.73 -9.70
CA GLY C 84 3.68 12.71 -9.60
C GLY C 84 3.88 13.31 -8.23
N LEU C 85 3.50 12.57 -7.20
CA LEU C 85 3.63 12.98 -5.82
C LEU C 85 4.61 12.11 -5.06
N ASP C 86 4.97 12.59 -3.87
CA ASP C 86 5.83 11.90 -2.92
C ASP C 86 5.05 11.90 -1.60
N LEU C 87 4.25 10.84 -1.40
CA LEU C 87 3.41 10.68 -0.21
C LEU C 87 4.16 9.85 0.83
N GLN C 88 4.21 10.37 2.05
CA GLN C 88 4.76 9.65 3.19
C GLN C 88 3.68 9.54 4.25
N TYR C 89 3.92 8.65 5.19
CA TYR C 89 2.93 8.33 6.21
C TYR C 89 3.57 8.34 7.57
N ALA C 90 2.84 8.88 8.53
CA ALA C 90 3.25 8.84 9.92
C ALA C 90 2.02 8.44 10.73
N VAL C 91 2.26 7.71 11.81
CA VAL C 91 1.18 7.25 12.67
C VAL C 91 0.97 8.26 13.80
N GLN C 92 -0.28 8.52 14.14
CA GLN C 92 -0.62 9.29 15.36
C GLN C 92 -1.34 8.32 16.31
N PRO C 93 -0.65 7.88 17.36
CA PRO C 93 -1.26 6.99 18.35
C PRO C 93 -2.55 7.54 19.01
N SER C 94 -2.50 8.79 19.48
CA SER C 94 -3.56 9.37 20.30
C SER C 94 -4.06 10.68 19.69
N PRO C 95 -5.38 10.97 19.79
CA PRO C 95 -5.89 12.24 19.27
C PRO C 95 -5.62 13.43 20.22
N ASP C 96 -4.36 13.88 20.24
CA ASP C 96 -3.91 14.94 21.16
C ASP C 96 -3.83 16.30 20.46
N GLY C 97 -4.85 16.64 19.67
CA GLY C 97 -4.94 17.96 19.04
C GLY C 97 -4.24 18.05 17.71
N LEU C 98 -4.62 19.08 16.94
CA LEU C 98 -4.14 19.23 15.57
C LEU C 98 -2.68 19.68 15.50
N ALA C 99 -2.24 20.50 16.46
CA ALA C 99 -0.87 21.02 16.45
C ALA C 99 0.22 19.94 16.63
N GLN C 100 -0.16 18.79 17.21
CA GLN C 100 0.73 17.62 17.30
C GLN C 100 1.29 17.20 15.93
N ALA C 101 0.54 17.47 14.86
CA ALA C 101 1.02 17.32 13.47
C ALA C 101 2.46 17.79 13.23
N PHE C 102 2.84 18.91 13.84
CA PHE C 102 4.18 19.49 13.64
C PHE C 102 5.28 18.77 14.41
N LEU C 103 4.91 18.08 15.48
CA LEU C 103 5.85 17.28 16.25
C LEU C 103 5.99 15.91 15.62
N ILE C 104 4.86 15.30 15.24
CA ILE C 104 4.87 14.07 14.46
C ILE C 104 5.60 14.28 13.14
N GLY C 105 5.35 15.42 12.50
CA GLY C 105 5.91 15.72 11.18
C GLY C 105 7.21 16.51 11.19
N GLU C 106 7.87 16.61 12.34
CA GLU C 106 9.04 17.49 12.46
C GLU C 106 10.12 17.10 11.47
N SER C 107 10.50 15.83 11.47
CA SER C 107 11.59 15.38 10.59
C SER C 107 11.16 15.43 9.12
N PHE C 108 9.86 15.27 8.87
CA PHE C 108 9.34 15.42 7.52
C PHE C 108 9.46 16.87 7.00
N ILE C 109 9.12 17.83 7.86
CA ILE C 109 9.18 19.26 7.46
C ILE C 109 10.62 19.72 7.28
N GLY C 110 11.50 19.29 8.20
CA GLY C 110 12.90 19.68 8.19
C GLY C 110 13.02 21.19 8.25
N ASN C 111 13.76 21.76 7.31
CA ASN C 111 13.94 23.19 7.27
C ASN C 111 13.00 23.91 6.29
N ASP C 112 11.94 23.23 5.83
CA ASP C 112 11.12 23.77 4.75
C ASP C 112 9.87 24.50 5.23
N LEU C 113 9.21 25.11 4.27
CA LEU C 113 7.89 25.72 4.48
C LEU C 113 6.90 24.57 4.54
N SER C 114 5.71 24.84 5.11
CA SER C 114 4.70 23.80 5.23
C SER C 114 3.29 24.31 4.98
N ALA C 115 2.41 23.36 4.70
CA ALA C 115 0.97 23.58 4.67
C ALA C 115 0.26 22.42 5.37
N LEU C 116 -0.69 22.74 6.25
CA LEU C 116 -1.47 21.76 6.98
C LEU C 116 -2.92 21.87 6.55
N VAL C 117 -3.52 20.73 6.22
CA VAL C 117 -4.93 20.70 5.83
C VAL C 117 -5.65 19.58 6.56
N LEU C 118 -6.90 19.84 6.93
CA LEU C 118 -7.76 18.86 7.57
C LEU C 118 -8.38 17.89 6.55
N GLY C 119 -8.31 16.60 6.86
CA GLY C 119 -8.79 15.52 5.97
C GLY C 119 -10.28 15.50 5.61
N ASP C 120 -11.08 16.25 6.35
CA ASP C 120 -12.53 16.33 6.14
C ASP C 120 -13.04 17.69 5.66
N ASN C 121 -12.14 18.59 5.28
CA ASN C 121 -12.55 19.88 4.71
C ASN C 121 -12.66 19.71 3.20
N LEU C 122 -13.74 20.24 2.65
CA LEU C 122 -14.02 20.27 1.23
C LEU C 122 -14.11 21.75 0.82
N TYR C 123 -13.36 22.14 -0.21
CA TYR C 123 -13.42 23.51 -0.76
C TYR C 123 -13.75 23.50 -2.24
N TYR C 124 -14.43 24.54 -2.70
CA TYR C 124 -14.74 24.68 -4.12
C TYR C 124 -14.91 26.15 -4.49
N GLY C 125 -14.30 26.55 -5.61
CA GLY C 125 -14.72 27.76 -6.30
C GLY C 125 -13.75 28.32 -7.29
N HIS C 126 -14.16 29.43 -7.88
CA HIS C 126 -13.46 30.06 -8.97
C HIS C 126 -12.18 30.73 -8.46
N ASP C 127 -11.07 30.42 -9.14
CA ASP C 127 -9.77 30.96 -8.83
C ASP C 127 -9.27 30.51 -7.47
N PHE C 128 -9.73 29.34 -7.02
CA PHE C 128 -9.21 28.72 -5.81
C PHE C 128 -7.70 28.52 -5.92
N HIS C 129 -7.27 28.14 -7.12
CA HIS C 129 -5.84 28.03 -7.45
C HIS C 129 -5.05 29.31 -7.11
N GLU C 130 -5.62 30.47 -7.45
CA GLU C 130 -4.99 31.77 -7.19
C GLU C 130 -5.04 32.17 -5.71
N LEU C 131 -6.16 31.88 -5.04
CA LEU C 131 -6.27 32.08 -3.60
C LEU C 131 -5.17 31.31 -2.83
N LEU C 132 -4.97 30.05 -3.19
CA LEU C 132 -3.94 29.23 -2.57
C LEU C 132 -2.55 29.70 -2.93
N GLY C 133 -2.35 30.04 -4.21
CA GLY C 133 -1.09 30.52 -4.73
C GLY C 133 -0.52 31.72 -4.00
N SER C 134 -1.37 32.66 -3.63
CA SER C 134 -0.92 33.84 -2.94
C SER C 134 -0.56 33.56 -1.46
N ALA C 135 -1.27 32.61 -0.83
CA ALA C 135 -0.87 32.12 0.50
C ALA C 135 0.46 31.38 0.43
N SER C 136 0.57 30.42 -0.50
CA SER C 136 1.80 29.65 -0.63
C SER C 136 3.00 30.48 -1.09
N GLN C 137 2.75 31.60 -1.77
CA GLN C 137 3.82 32.51 -2.22
C GLN C 137 4.50 33.28 -1.08
N ARG C 138 3.77 33.61 -0.01
CA ARG C 138 4.39 34.29 1.13
C ARG C 138 5.38 33.35 1.84
N GLN C 139 6.67 33.58 1.58
CA GLN C 139 7.75 32.72 2.05
C GLN C 139 8.11 32.91 3.54
N THR C 140 7.52 33.91 4.21
CA THR C 140 7.68 34.11 5.64
C THR C 140 6.33 34.34 6.30
N GLY C 141 6.30 34.08 7.60
CA GLY C 141 5.09 34.14 8.37
C GLY C 141 4.12 33.00 8.03
N ALA C 142 2.86 33.23 8.40
CA ALA C 142 1.81 32.26 8.31
C ALA C 142 0.59 32.90 7.60
N SER C 143 -0.17 32.07 6.91
CA SER C 143 -1.38 32.51 6.20
C SER C 143 -2.51 31.55 6.51
N VAL C 144 -3.64 32.12 6.89
CA VAL C 144 -4.88 31.39 7.09
C VAL C 144 -6.00 32.09 6.29
N PHE C 145 -7.14 31.41 6.20
CA PHE C 145 -8.31 31.91 5.49
C PHE C 145 -9.49 32.02 6.45
N ALA C 146 -10.21 33.14 6.36
CA ALA C 146 -11.41 33.39 7.14
C ALA C 146 -12.65 33.29 6.26
N TYR C 147 -13.68 32.62 6.76
CA TYR C 147 -14.88 32.33 5.96
C TYR C 147 -16.11 32.57 6.79
N HIS C 148 -17.04 33.36 6.25
CA HIS C 148 -18.28 33.66 6.98
C HIS C 148 -19.14 32.39 7.16
N VAL C 149 -19.50 32.03 8.38
CA VAL C 149 -20.36 30.86 8.67
C VAL C 149 -21.52 31.20 9.59
N LEU C 150 -22.55 30.34 9.58
CA LEU C 150 -23.69 30.46 10.47
C LEU C 150 -23.29 30.14 11.92
N ASP C 151 -22.36 29.20 12.10
CA ASP C 151 -22.03 28.63 13.42
C ASP C 151 -20.54 28.77 13.78
N PRO C 152 -20.07 30.01 13.93
CA PRO C 152 -18.64 30.23 14.16
C PRO C 152 -18.11 29.60 15.44
N GLU C 153 -18.98 29.43 16.43
CA GLU C 153 -18.66 28.71 17.68
C GLU C 153 -18.05 27.31 17.53
N ARG C 154 -18.28 26.64 16.40
CA ARG C 154 -17.63 25.34 16.16
C ARG C 154 -16.16 25.43 15.77
N TYR C 155 -15.65 26.63 15.48
CA TYR C 155 -14.33 26.80 14.87
C TYR C 155 -13.45 27.76 15.62
N GLY C 156 -12.20 27.85 15.15
CA GLY C 156 -11.36 29.00 15.45
C GLY C 156 -12.02 30.21 14.83
N VAL C 157 -12.17 31.30 15.58
CA VAL C 157 -12.86 32.51 15.11
C VAL C 157 -11.88 33.68 15.09
N VAL C 158 -11.93 34.46 14.01
CA VAL C 158 -11.08 35.64 13.86
C VAL C 158 -11.94 36.91 14.00
N GLU C 159 -11.39 37.88 14.74
CA GLU C 159 -11.99 39.19 14.93
C GLU C 159 -11.15 40.22 14.18
N PHE C 160 -11.82 41.13 13.50
CA PHE C 160 -11.18 42.18 12.74
C PHE C 160 -11.53 43.54 13.36
N ASP C 161 -10.60 44.49 13.27
CA ASP C 161 -10.94 45.90 13.59
C ASP C 161 -11.63 46.57 12.39
N GLN C 162 -12.01 47.84 12.55
CA GLN C 162 -12.75 48.58 11.51
C GLN C 162 -12.02 48.74 10.18
N GLY C 163 -10.69 48.65 10.20
CA GLY C 163 -9.87 48.70 8.98
C GLY C 163 -9.60 47.34 8.35
N GLY C 164 -10.22 46.28 8.85
CA GLY C 164 -10.05 44.94 8.29
C GLY C 164 -8.83 44.17 8.75
N LYS C 165 -8.14 44.61 9.81
CA LYS C 165 -6.94 43.94 10.32
C LYS C 165 -7.34 42.94 11.42
N ALA C 166 -6.77 41.74 11.40
CA ALA C 166 -7.08 40.74 12.42
C ALA C 166 -6.51 41.19 13.75
N ILE C 167 -7.33 41.17 14.81
CA ILE C 167 -6.89 41.57 16.17
C ILE C 167 -7.04 40.51 17.27
N SER C 168 -7.85 39.48 17.05
CA SER C 168 -7.91 38.34 17.98
C SER C 168 -8.31 37.02 17.30
N LEU C 169 -7.85 35.92 17.90
CA LEU C 169 -8.22 34.57 17.54
C LEU C 169 -8.70 33.84 18.79
N GLU C 170 -9.82 33.12 18.68
CA GLU C 170 -10.37 32.37 19.81
C GLU C 170 -10.74 30.99 19.29
N GLU C 171 -10.37 29.95 20.04
CA GLU C 171 -10.74 28.59 19.70
C GLU C 171 -12.15 28.23 20.21
N LYS C 172 -13.08 28.01 19.28
CA LYS C 172 -14.43 27.58 19.58
C LYS C 172 -15.10 28.42 20.66
N PRO C 173 -15.12 29.75 20.50
CA PRO C 173 -15.70 30.57 21.57
C PRO C 173 -17.23 30.36 21.76
N LEU C 174 -17.70 30.28 23.00
CA LEU C 174 -19.14 30.21 23.27
C LEU C 174 -19.83 31.52 22.89
N GLU C 175 -19.08 32.63 22.88
CA GLU C 175 -19.59 33.92 22.43
C GLU C 175 -18.65 34.48 21.36
N PRO C 176 -18.83 34.05 20.10
CA PRO C 176 -17.94 34.47 19.02
C PRO C 176 -17.89 35.98 18.84
N LYS C 177 -16.71 36.53 18.63
CA LYS C 177 -16.57 37.95 18.33
C LYS C 177 -17.04 38.29 16.91
N SER C 178 -17.10 37.31 16.02
CA SER C 178 -17.56 37.53 14.64
C SER C 178 -18.10 36.22 14.08
N ASN C 179 -18.60 36.29 12.84
CA ASN C 179 -18.98 35.08 12.12
C ASN C 179 -17.90 34.52 11.19
N TYR C 180 -16.66 34.99 11.35
CA TYR C 180 -15.57 34.54 10.49
C TYR C 180 -14.80 33.41 11.13
N ALA C 181 -15.03 32.18 10.62
CA ALA C 181 -14.25 31.00 11.02
C ALA C 181 -12.95 30.88 10.25
N VAL C 182 -11.93 30.40 10.94
CA VAL C 182 -10.65 30.07 10.33
C VAL C 182 -10.83 28.69 9.71
N THR C 183 -10.63 28.57 8.39
CA THR C 183 -10.78 27.29 7.69
C THR C 183 -9.66 26.34 8.11
N GLY C 184 -9.78 25.06 7.76
CA GLY C 184 -8.80 24.04 8.17
C GLY C 184 -7.68 23.86 7.16
N LEU C 185 -7.13 24.96 6.66
CA LEU C 185 -6.09 24.97 5.67
C LEU C 185 -5.11 26.06 6.11
N TYR C 186 -3.87 25.68 6.39
CA TYR C 186 -2.93 26.61 7.03
C TYR C 186 -1.58 26.54 6.32
N PHE C 187 -0.98 27.71 6.10
CA PHE C 187 0.33 27.82 5.46
C PHE C 187 1.31 28.38 6.50
N TYR C 188 2.44 27.70 6.67
CA TYR C 188 3.46 28.08 7.68
C TYR C 188 4.87 28.18 7.11
N ASP C 189 5.66 29.08 7.71
CA ASP C 189 7.08 29.17 7.42
C ASP C 189 7.84 28.24 8.37
N GLN C 190 9.16 28.37 8.37
CA GLN C 190 10.07 27.50 9.13
C GLN C 190 9.95 27.63 10.64
N GLN C 191 9.21 28.61 11.14
CA GLN C 191 9.10 28.82 12.59
C GLN C 191 8.08 27.92 13.28
N VAL C 192 7.16 27.31 12.52
CA VAL C 192 6.03 26.65 13.15
C VAL C 192 6.38 25.49 14.10
N VAL C 193 7.36 24.67 13.72
CA VAL C 193 7.77 23.54 14.59
C VAL C 193 8.23 24.05 15.97
N ASP C 194 9.08 25.08 15.99
CA ASP C 194 9.57 25.67 17.23
C ASP C 194 8.45 26.33 18.05
N ILE C 195 7.50 26.98 17.36
CA ILE C 195 6.28 27.47 18.02
C ILE C 195 5.49 26.30 18.60
N ALA C 196 5.30 25.24 17.83
CA ALA C 196 4.54 24.06 18.25
C ALA C 196 5.15 23.35 19.47
N ARG C 197 6.48 23.30 19.54
CA ARG C 197 7.18 22.62 20.65
C ARG C 197 6.93 23.30 22.01
N ASP C 198 6.72 24.63 22.00
CA ASP C 198 6.41 25.39 23.22
C ASP C 198 4.93 25.37 23.67
N LEU C 199 4.05 24.74 22.90
CA LEU C 199 2.62 24.69 23.27
C LEU C 199 2.38 23.77 24.46
N LYS C 200 1.68 24.29 25.47
CA LYS C 200 1.14 23.51 26.58
C LYS C 200 -0.30 23.13 26.24
N PRO C 201 -0.71 21.85 26.46
CA PRO C 201 -2.09 21.45 26.15
C PRO C 201 -3.18 22.33 26.77
N SER C 202 -4.30 22.47 26.06
CA SER C 202 -5.40 23.37 26.45
C SER C 202 -6.19 22.82 27.63
N PRO C 203 -7.16 23.61 28.16
CA PRO C 203 -8.13 23.10 29.14
C PRO C 203 -8.77 21.74 28.79
N ARG C 204 -9.01 21.50 27.49
CA ARG C 204 -9.52 20.20 26.99
C ARG C 204 -8.42 19.20 26.51
N GLY C 205 -7.19 19.37 26.99
CA GLY C 205 -6.12 18.39 26.80
C GLY C 205 -5.54 18.23 25.40
N GLU C 206 -5.63 19.28 24.58
CA GLU C 206 -5.18 19.23 23.19
C GLU C 206 -4.11 20.29 22.88
N LEU C 207 -3.25 19.97 21.91
CA LEU C 207 -2.34 20.94 21.32
C LEU C 207 -3.12 21.66 20.21
N GLU C 208 -3.36 22.95 20.40
CA GLU C 208 -4.36 23.69 19.62
C GLU C 208 -3.75 24.50 18.47
N ILE C 209 -4.28 24.32 17.26
CA ILE C 209 -3.80 25.07 16.09
C ILE C 209 -4.01 26.60 16.27
N THR C 210 -5.08 27.00 16.95
CA THR C 210 -5.35 28.42 17.20
C THR C 210 -4.24 29.12 18.01
N ASP C 211 -3.63 28.40 18.96
CA ASP C 211 -2.48 28.88 19.71
C ASP C 211 -1.28 29.11 18.83
N VAL C 212 -1.05 28.20 17.87
CA VAL C 212 0.02 28.40 16.87
C VAL C 212 -0.24 29.68 16.10
N ASN C 213 -1.47 29.85 15.62
CA ASN C 213 -1.83 31.00 14.80
C ASN C 213 -1.75 32.32 15.55
N ARG C 214 -2.10 32.28 16.83
CA ARG C 214 -2.01 33.46 17.70
C ARG C 214 -0.56 33.87 17.96
N ALA C 215 0.35 32.89 18.00
CA ALA C 215 1.78 33.19 18.14
C ALA C 215 2.28 34.00 16.97
N TYR C 216 1.88 33.60 15.75
CA TYR C 216 2.19 34.38 14.55
C TYR C 216 1.57 35.76 14.54
N LEU C 217 0.29 35.83 14.95
CA LEU C 217 -0.41 37.10 15.05
C LEU C 217 0.29 38.04 16.04
N GLU C 218 0.68 37.53 17.20
CA GLU C 218 1.41 38.32 18.21
C GLU C 218 2.75 38.85 17.67
N ARG C 219 3.40 38.11 16.77
CA ARG C 219 4.62 38.55 16.11
C ARG C 219 4.39 39.46 14.89
N GLY C 220 3.13 39.86 14.62
CA GLY C 220 2.82 40.56 13.38
C GLY C 220 3.10 39.75 12.12
N GLN C 221 3.05 38.42 12.19
CA GLN C 221 3.38 37.59 11.01
C GLN C 221 2.23 36.69 10.55
N LEU C 222 0.99 37.06 10.86
CA LEU C 222 -0.16 36.31 10.39
C LEU C 222 -0.93 37.09 9.35
N SER C 223 -1.03 36.53 8.14
CA SER C 223 -1.94 37.05 7.11
CA SER C 223 -1.93 37.04 7.11
C SER C 223 -3.25 36.28 7.24
N VAL C 224 -4.36 37.02 7.31
CA VAL C 224 -5.70 36.43 7.32
C VAL C 224 -6.38 36.86 6.01
N GLU C 225 -6.44 35.96 5.05
CA GLU C 225 -7.09 36.27 3.77
C GLU C 225 -8.55 35.90 3.89
N ILE C 226 -9.43 36.71 3.34
CA ILE C 226 -10.84 36.34 3.27
C ILE C 226 -11.04 35.30 2.16
N MET C 227 -11.68 34.19 2.51
CA MET C 227 -12.25 33.27 1.53
C MET C 227 -13.69 33.73 1.36
N GLY C 228 -13.99 34.28 0.18
CA GLY C 228 -15.26 34.92 -0.10
C GLY C 228 -16.45 33.97 -0.10
N ARG C 229 -17.64 34.55 0.00
CA ARG C 229 -18.89 33.81 0.00
C ARG C 229 -19.18 33.07 -1.31
N GLY C 230 -18.50 33.46 -2.39
CA GLY C 230 -18.57 32.75 -3.66
C GLY C 230 -17.83 31.42 -3.69
N TYR C 231 -17.02 31.14 -2.65
CA TYR C 231 -16.46 29.79 -2.43
C TYR C 231 -17.37 28.99 -1.51
N ALA C 232 -17.39 27.69 -1.73
CA ALA C 232 -18.04 26.76 -0.85
C ALA C 232 -16.96 26.10 0.02
N TRP C 233 -17.05 26.31 1.32
CA TRP C 233 -16.30 25.51 2.31
C TRP C 233 -17.35 24.68 3.04
N LEU C 234 -17.30 23.37 2.84
CA LEU C 234 -18.23 22.45 3.49
C LEU C 234 -17.53 21.53 4.46
N ASP C 235 -18.23 21.22 5.54
CA ASP C 235 -17.74 20.32 6.56
C ASP C 235 -18.37 18.99 6.29
N THR C 236 -17.61 17.95 6.57
CA THR C 236 -18.00 16.59 6.26
C THR C 236 -18.00 15.67 7.49
N GLY C 237 -18.09 16.25 8.69
CA GLY C 237 -17.96 15.48 9.94
C GLY C 237 -19.20 15.07 10.74
N THR C 238 -20.39 15.32 10.20
CA THR C 238 -21.63 14.68 10.69
C THR C 238 -22.23 13.84 9.57
N HIS C 239 -23.12 12.92 9.93
CA HIS C 239 -23.87 12.17 8.92
C HIS C 239 -24.66 13.11 8.00
N ASP C 240 -25.28 14.14 8.57
CA ASP C 240 -26.07 15.11 7.75
C ASP C 240 -25.21 15.94 6.80
N SER C 241 -24.10 16.48 7.31
CA SER C 241 -23.19 17.29 6.49
C SER C 241 -22.47 16.46 5.41
N LEU C 242 -22.13 15.20 5.72
CA LEU C 242 -21.50 14.32 4.71
C LEU C 242 -22.46 14.11 3.53
N LEU C 243 -23.73 13.88 3.86
CA LEU C 243 -24.78 13.75 2.87
C LEU C 243 -24.95 15.03 2.05
N GLU C 244 -24.99 16.16 2.73
CA GLU C 244 -25.07 17.46 2.05
C GLU C 244 -23.89 17.71 1.13
N ALA C 245 -22.71 17.36 1.58
CA ALA C 245 -21.51 17.52 0.74
C ALA C 245 -21.58 16.67 -0.54
N GLY C 246 -22.08 15.46 -0.41
CA GLY C 246 -22.23 14.55 -1.57
C GLY C 246 -23.21 15.05 -2.61
N GLN C 247 -24.35 15.56 -2.16
CA GLN C 247 -25.36 16.15 -3.03
CA GLN C 247 -25.35 16.14 -3.05
C GLN C 247 -24.79 17.37 -3.79
N PHE C 248 -24.02 18.20 -3.09
CA PHE C 248 -23.39 19.38 -3.65
C PHE C 248 -22.42 19.01 -4.78
N ILE C 249 -21.54 18.05 -4.52
CA ILE C 249 -20.55 17.61 -5.53
C ILE C 249 -21.29 16.96 -6.71
N ALA C 250 -22.26 16.11 -6.41
CA ALA C 250 -23.04 15.45 -7.45
C ALA C 250 -23.75 16.45 -8.35
N THR C 251 -24.30 17.51 -7.78
CA THR C 251 -25.01 18.52 -8.57
C THR C 251 -24.06 19.24 -9.50
N LEU C 252 -22.90 19.65 -8.98
CA LEU C 252 -21.88 20.28 -9.81
C LEU C 252 -21.35 19.37 -10.93
N GLU C 253 -20.97 18.16 -10.57
CA GLU C 253 -20.32 17.26 -11.52
C GLU C 253 -21.28 16.83 -12.63
N ASN C 254 -22.51 16.48 -12.26
CA ASN C 254 -23.53 16.12 -13.24
C ASN C 254 -23.98 17.26 -14.11
N ARG C 255 -23.94 18.47 -13.59
CA ARG C 255 -24.19 19.64 -14.38
C ARG C 255 -23.09 19.86 -15.45
N GLN C 256 -21.84 19.76 -15.02
CA GLN C 256 -20.69 20.17 -15.80
C GLN C 256 -20.10 19.09 -16.72
N GLY C 257 -20.27 17.83 -16.32
CA GLY C 257 -19.48 16.73 -16.89
C GLY C 257 -17.99 16.93 -16.63
N LEU C 258 -17.67 17.56 -15.49
CA LEU C 258 -16.32 17.79 -15.01
C LEU C 258 -16.33 17.36 -13.56
N LYS C 259 -15.15 16.99 -13.04
CA LYS C 259 -15.05 16.51 -11.67
C LYS C 259 -14.46 17.58 -10.77
N VAL C 260 -14.90 17.58 -9.51
CA VAL C 260 -14.25 18.34 -8.46
C VAL C 260 -13.28 17.40 -7.73
N ALA C 261 -12.02 17.82 -7.64
CA ALA C 261 -10.97 17.16 -6.85
C ALA C 261 -10.67 15.76 -7.35
N CYS C 262 -10.52 15.63 -8.67
CA CYS C 262 -9.98 14.42 -9.29
C CYS C 262 -8.46 14.59 -9.26
N PRO C 263 -7.74 13.84 -8.39
CA PRO C 263 -6.25 14.01 -8.31
C PRO C 263 -5.47 13.80 -9.63
N GLU C 264 -5.87 12.81 -10.41
CA GLU C 264 -5.24 12.48 -11.68
C GLU C 264 -5.33 13.67 -12.64
N GLU C 265 -6.50 14.32 -12.66
CA GLU C 265 -6.67 15.56 -13.43
C GLU C 265 -5.75 16.65 -12.95
N ILE C 266 -5.73 16.90 -11.64
CA ILE C 266 -4.91 18.00 -11.10
C ILE C 266 -3.42 17.76 -11.40
N ALA C 267 -2.92 16.54 -11.18
CA ALA C 267 -1.54 16.20 -11.57
C ALA C 267 -1.22 16.45 -13.05
N TYR C 268 -2.14 16.03 -13.92
CA TYR C 268 -2.05 16.26 -15.35
C TYR C 268 -1.99 17.74 -15.71
N ARG C 269 -2.90 18.53 -15.14
CA ARG C 269 -2.92 19.97 -15.39
C ARG C 269 -1.74 20.70 -14.79
N GLN C 270 -1.18 20.18 -13.69
CA GLN C 270 0.07 20.72 -13.16
C GLN C 270 1.33 20.30 -13.95
N LYS C 271 1.17 19.39 -14.90
CA LYS C 271 2.25 18.77 -15.69
C LYS C 271 3.18 17.89 -14.85
N TRP C 272 2.68 17.39 -13.72
CA TRP C 272 3.40 16.44 -12.87
C TRP C 272 3.34 15.04 -13.45
N ILE C 273 2.31 14.75 -14.24
CA ILE C 273 2.26 13.55 -15.06
C ILE C 273 1.91 13.98 -16.48
N ASP C 274 2.27 13.14 -17.45
CA ASP C 274 2.04 13.46 -18.86
C ASP C 274 0.90 12.62 -19.45
N ALA C 275 0.56 12.87 -20.70
CA ALA C 275 -0.60 12.24 -21.33
C ALA C 275 -0.54 10.70 -21.35
N ALA C 276 0.64 10.15 -21.61
CA ALA C 276 0.85 8.70 -21.58
C ALA C 276 0.57 8.11 -20.20
N GLN C 277 1.05 8.80 -19.17
CA GLN C 277 0.86 8.35 -17.79
C GLN C 277 -0.62 8.41 -17.42
N LEU C 278 -1.31 9.50 -17.77
CA LEU C 278 -2.76 9.59 -17.52
C LEU C 278 -3.54 8.48 -18.24
N GLU C 279 -3.11 8.13 -19.44
CA GLU C 279 -3.72 7.01 -20.18
C GLU C 279 -3.55 5.67 -19.44
N LYS C 280 -2.36 5.41 -18.89
CA LYS C 280 -2.14 4.21 -18.05
C LYS C 280 -3.07 4.16 -16.84
N LEU C 281 -3.25 5.31 -16.17
CA LEU C 281 -4.17 5.41 -15.03
C LEU C 281 -5.63 5.19 -15.44
N ALA C 282 -5.98 5.62 -16.65
CA ALA C 282 -7.32 5.40 -17.20
C ALA C 282 -7.67 3.92 -17.50
N ALA C 283 -6.66 3.14 -17.88
CA ALA C 283 -6.84 1.74 -18.29
C ALA C 283 -7.64 0.84 -17.32
N PRO C 284 -7.17 0.67 -16.06
CA PRO C 284 -7.90 -0.21 -15.13
C PRO C 284 -9.29 0.30 -14.69
N LEU C 285 -9.55 1.60 -14.90
CA LEU C 285 -10.82 2.23 -14.57
C LEU C 285 -11.75 2.40 -15.77
N ALA C 286 -11.41 1.77 -16.89
CA ALA C 286 -12.06 2.01 -18.20
C ALA C 286 -13.55 1.70 -18.29
N LYS C 287 -14.00 0.70 -17.53
CA LYS C 287 -15.42 0.26 -17.59
C LYS C 287 -16.37 1.12 -16.74
N ASN C 288 -15.84 2.04 -15.94
CA ASN C 288 -16.65 2.98 -15.18
C ASN C 288 -16.46 4.41 -15.64
N GLY C 289 -17.38 5.29 -15.26
CA GLY C 289 -17.36 6.71 -15.65
C GLY C 289 -16.07 7.46 -15.31
N TYR C 290 -15.39 7.05 -14.25
CA TYR C 290 -14.22 7.74 -13.77
C TYR C 290 -13.05 7.56 -14.74
N GLY C 291 -12.78 6.33 -15.15
CA GLY C 291 -11.74 6.06 -16.16
C GLY C 291 -12.08 6.65 -17.52
N GLN C 292 -13.37 6.66 -17.86
CA GLN C 292 -13.86 7.29 -19.10
C GLN C 292 -13.64 8.79 -19.05
N TYR C 293 -13.90 9.38 -17.88
CA TYR C 293 -13.56 10.78 -17.67
C TYR C 293 -12.08 11.04 -17.91
N LEU C 294 -11.21 10.23 -17.33
CA LEU C 294 -9.76 10.45 -17.48
C LEU C 294 -9.31 10.37 -18.94
N LYS C 295 -9.85 9.39 -19.65
CA LYS C 295 -9.61 9.24 -21.08
C LYS C 295 -10.03 10.52 -21.84
N ARG C 296 -11.24 11.01 -21.58
CA ARG C 296 -11.73 12.25 -22.23
C ARG C 296 -10.81 13.47 -22.05
N LEU C 297 -10.10 13.55 -20.92
CA LEU C 297 -9.17 14.66 -20.67
C LEU C 297 -7.93 14.68 -21.56
N LEU C 298 -7.57 13.52 -22.09
CA LEU C 298 -6.47 13.41 -23.07
C LEU C 298 -6.76 14.11 -24.40
N THR C 299 -8.03 14.23 -24.78
CA THR C 299 -8.42 14.87 -26.05
C THR C 299 -9.23 16.17 -25.94
N GLU C 300 -9.92 16.41 -24.82
CA GLU C 300 -10.76 17.59 -24.67
C GLU C 300 -9.99 18.77 -24.09
N THR C 301 -10.12 19.94 -24.70
CA THR C 301 -9.65 21.19 -24.11
C THR C 301 -10.71 21.66 -23.11
N VAL C 302 -10.31 21.81 -21.85
CA VAL C 302 -11.19 22.36 -20.79
C VAL C 302 -10.49 23.62 -20.31
N TYR C 303 -11.19 24.75 -20.36
CA TYR C 303 -10.64 26.04 -19.92
C TYR C 303 -10.80 26.20 -18.41
N LYS D 12 -37.14 -24.92 9.91
CA LYS D 12 -36.35 -23.66 10.11
C LYS D 12 -35.86 -23.06 8.77
N ARG D 13 -35.65 -21.75 8.75
CA ARG D 13 -35.20 -21.09 7.53
C ARG D 13 -33.94 -20.29 7.79
N LYS D 14 -32.91 -20.58 7.00
CA LYS D 14 -31.62 -19.92 7.11
C LYS D 14 -31.47 -18.85 6.04
N GLY D 15 -30.59 -17.90 6.31
CA GLY D 15 -30.48 -16.68 5.49
C GLY D 15 -29.15 -16.60 4.79
N ILE D 16 -29.16 -15.99 3.62
CA ILE D 16 -27.93 -15.73 2.87
C ILE D 16 -27.97 -14.28 2.46
N ILE D 17 -26.89 -13.55 2.71
CA ILE D 17 -26.70 -12.22 2.18
C ILE D 17 -25.61 -12.31 1.14
N LEU D 18 -25.97 -12.00 -0.11
CA LEU D 18 -25.00 -11.96 -1.19
C LEU D 18 -24.51 -10.53 -1.35
N ALA D 19 -23.31 -10.30 -0.83
CA ALA D 19 -22.64 -9.03 -0.90
C ALA D 19 -21.58 -9.18 -1.98
N GLY D 20 -22.05 -9.26 -3.23
CA GLY D 20 -21.19 -9.51 -4.37
C GLY D 20 -20.27 -8.36 -4.73
N GLY D 21 -19.24 -8.68 -5.51
CA GLY D 21 -18.28 -7.68 -5.97
C GLY D 21 -18.89 -6.81 -7.06
N SER D 22 -18.68 -5.50 -6.96
CA SER D 22 -19.20 -4.53 -7.93
C SER D 22 -18.13 -4.17 -8.95
N GLY D 23 -17.09 -4.99 -9.06
CA GLY D 23 -15.96 -4.73 -9.95
C GLY D 23 -15.34 -3.39 -9.62
N THR D 24 -15.31 -2.51 -10.61
CA THR D 24 -14.74 -1.18 -10.46
C THR D 24 -15.81 -0.10 -10.68
N ARG D 25 -17.08 -0.49 -10.67
CA ARG D 25 -18.18 0.44 -10.99
C ARG D 25 -18.29 1.61 -10.02
N LEU D 26 -17.92 1.39 -8.75
CA LEU D 26 -18.00 2.44 -7.72
C LEU D 26 -16.61 3.04 -7.37
N HIS D 27 -15.58 2.69 -8.14
CA HIS D 27 -14.24 3.28 -7.92
C HIS D 27 -14.30 4.77 -8.24
N PRO D 28 -13.50 5.61 -7.58
CA PRO D 28 -12.49 5.22 -6.61
C PRO D 28 -13.02 5.04 -5.16
N ALA D 29 -14.31 5.27 -4.93
CA ALA D 29 -14.90 5.12 -3.60
C ALA D 29 -14.65 3.73 -3.02
N THR D 30 -14.77 2.71 -3.88
CA THR D 30 -14.58 1.32 -3.46
C THR D 30 -13.13 0.81 -3.52
N LEU D 31 -12.17 1.66 -3.88
CA LEU D 31 -10.75 1.39 -3.60
C LEU D 31 -10.40 1.58 -2.11
N ALA D 32 -11.21 2.36 -1.38
CA ALA D 32 -10.97 2.64 0.06
C ALA D 32 -11.75 1.72 0.99
N ILE D 33 -12.94 1.32 0.57
CA ILE D 33 -13.85 0.55 1.42
C ILE D 33 -14.75 -0.36 0.58
N SER D 34 -14.98 -1.56 1.09
CA SER D 34 -15.93 -2.51 0.50
C SER D 34 -17.29 -1.86 0.22
N LYS D 35 -17.85 -2.14 -0.95
CA LYS D 35 -19.13 -1.60 -1.40
C LYS D 35 -20.23 -1.65 -0.34
N GLN D 36 -20.45 -2.84 0.24
CA GLN D 36 -21.54 -3.02 1.22
C GLN D 36 -21.17 -2.62 2.63
N LEU D 37 -19.95 -2.09 2.81
CA LEU D 37 -19.63 -1.33 4.01
C LEU D 37 -19.77 0.18 3.85
N LEU D 38 -20.04 0.65 2.64
CA LEU D 38 -20.32 2.09 2.45
C LEU D 38 -21.58 2.46 3.24
N PRO D 39 -21.57 3.64 3.87
CA PRO D 39 -22.74 3.99 4.66
C PRO D 39 -23.92 4.44 3.80
N VAL D 40 -25.12 4.01 4.21
CA VAL D 40 -26.36 4.61 3.76
C VAL D 40 -26.79 5.49 4.92
N TYR D 41 -26.63 6.78 4.73
CA TYR D 41 -26.75 7.80 5.77
C TYR D 41 -25.82 7.59 6.99
N ASP D 42 -26.25 6.79 7.96
CA ASP D 42 -25.58 6.68 9.25
C ASP D 42 -25.14 5.26 9.62
N LYS D 43 -25.35 4.28 8.74
CA LYS D 43 -24.94 2.92 9.03
C LYS D 43 -24.45 2.20 7.77
N PRO D 44 -23.61 1.16 7.93
CA PRO D 44 -23.11 0.46 6.74
C PRO D 44 -24.25 -0.16 5.92
N MET D 45 -24.09 -0.14 4.60
CA MET D 45 -25.07 -0.73 3.66
C MET D 45 -25.57 -2.11 4.13
N ILE D 46 -24.67 -2.97 4.56
CA ILE D 46 -25.07 -4.34 4.92
C ILE D 46 -26.07 -4.46 6.09
N TYR D 47 -26.15 -3.45 6.96
CA TYR D 47 -27.13 -3.45 8.06
C TYR D 47 -28.59 -3.54 7.55
N TYR D 48 -28.84 -3.05 6.34
CA TYR D 48 -30.19 -3.02 5.79
C TYR D 48 -30.72 -4.40 5.36
N PRO D 49 -29.96 -5.13 4.53
CA PRO D 49 -30.37 -6.51 4.27
C PRO D 49 -30.26 -7.44 5.48
N LEU D 50 -29.26 -7.24 6.32
CA LEU D 50 -29.17 -7.96 7.58
C LEU D 50 -30.45 -7.78 8.40
N SER D 51 -30.86 -6.53 8.54
CA SER D 51 -32.07 -6.20 9.29
C SER D 51 -33.31 -6.80 8.65
N THR D 52 -33.32 -6.87 7.31
CA THR D 52 -34.42 -7.48 6.58
C THR D 52 -34.57 -8.97 6.91
N LEU D 53 -33.45 -9.69 6.91
CA LEU D 53 -33.49 -11.10 7.28
C LEU D 53 -33.90 -11.26 8.72
N MET D 54 -33.36 -10.41 9.58
CA MET D 54 -33.70 -10.40 11.00
C MET D 54 -35.19 -10.14 11.24
N LEU D 55 -35.77 -9.23 10.45
CA LEU D 55 -37.20 -8.96 10.52
C LEU D 55 -38.04 -10.16 10.09
N ALA D 56 -37.55 -10.96 9.15
CA ALA D 56 -38.21 -12.20 8.77
C ALA D 56 -38.05 -13.32 9.80
N GLY D 57 -37.40 -13.04 10.92
CA GLY D 57 -37.17 -14.03 11.97
C GLY D 57 -35.97 -14.93 11.72
N ILE D 58 -35.04 -14.51 10.85
CA ILE D 58 -33.91 -15.38 10.48
C ILE D 58 -32.69 -14.98 11.29
N ARG D 59 -32.18 -15.92 12.08
CA ARG D 59 -31.01 -15.71 12.93
C ARG D 59 -29.73 -16.34 12.38
N GLU D 60 -29.86 -17.36 11.54
CA GLU D 60 -28.71 -18.11 11.02
C GLU D 60 -28.47 -17.67 9.59
N ILE D 61 -27.37 -16.93 9.40
CA ILE D 61 -27.13 -16.15 8.19
C ILE D 61 -25.72 -16.37 7.66
N LEU D 62 -25.63 -16.73 6.38
CA LEU D 62 -24.35 -16.81 5.67
C LEU D 62 -24.14 -15.50 4.89
N ILE D 63 -23.02 -14.82 5.11
CA ILE D 63 -22.63 -13.65 4.30
C ILE D 63 -21.61 -14.11 3.25
N ILE D 64 -22.01 -14.01 1.97
CA ILE D 64 -21.14 -14.33 0.86
C ILE D 64 -20.60 -13.04 0.26
N SER D 65 -19.28 -12.97 0.09
CA SER D 65 -18.67 -11.80 -0.55
C SER D 65 -17.40 -12.16 -1.31
N THR D 66 -16.63 -11.15 -1.72
CA THR D 66 -15.44 -11.37 -2.52
C THR D 66 -14.32 -11.87 -1.59
N PRO D 67 -13.23 -12.38 -2.18
CA PRO D 67 -12.16 -12.82 -1.28
C PRO D 67 -11.57 -11.66 -0.49
N GLN D 68 -11.59 -10.46 -1.06
CA GLN D 68 -11.10 -9.24 -0.37
C GLN D 68 -12.05 -8.70 0.69
N ASP D 69 -13.36 -8.70 0.40
CA ASP D 69 -14.33 -8.11 1.31
C ASP D 69 -14.82 -9.04 2.41
N THR D 70 -14.90 -10.34 2.15
CA THR D 70 -15.43 -11.27 3.15
C THR D 70 -14.74 -11.12 4.52
N PRO D 71 -13.39 -11.07 4.56
CA PRO D 71 -12.75 -10.90 5.89
C PRO D 71 -13.06 -9.57 6.56
N ARG D 72 -13.36 -8.53 5.79
CA ARG D 72 -13.75 -7.24 6.35
C ARG D 72 -15.15 -7.27 6.96
N PHE D 73 -16.09 -8.01 6.36
CA PHE D 73 -17.39 -8.23 7.02
C PHE D 73 -17.22 -9.02 8.32
N GLN D 74 -16.36 -10.05 8.27
CA GLN D 74 -16.09 -10.89 9.44
C GLN D 74 -15.42 -10.09 10.55
N GLN D 75 -14.49 -9.20 10.20
CA GLN D 75 -13.87 -8.33 11.19
C GLN D 75 -14.88 -7.38 11.84
N LEU D 76 -15.84 -6.89 11.04
CA LEU D 76 -16.88 -6.00 11.52
C LEU D 76 -17.91 -6.72 12.41
N LEU D 77 -18.49 -7.80 11.90
CA LEU D 77 -19.68 -8.43 12.51
C LEU D 77 -19.39 -9.65 13.42
N GLY D 78 -18.21 -10.26 13.27
CA GLY D 78 -17.87 -11.47 14.00
C GLY D 78 -18.86 -12.60 13.73
N ASP D 79 -19.11 -13.42 14.75
CA ASP D 79 -20.10 -14.49 14.64
C ASP D 79 -21.55 -14.02 14.86
N GLY D 80 -21.75 -12.75 15.21
CA GLY D 80 -23.09 -12.21 15.45
C GLY D 80 -23.72 -12.47 16.81
N SER D 81 -23.01 -13.18 17.70
CA SER D 81 -23.49 -13.53 19.02
C SER D 81 -23.91 -12.32 19.85
N ASN D 82 -23.24 -11.20 19.67
CA ASN D 82 -23.61 -9.97 20.35
C ASN D 82 -25.01 -9.47 20.02
N TRP D 83 -25.55 -9.86 18.86
CA TRP D 83 -26.91 -9.51 18.44
C TRP D 83 -27.86 -10.71 18.40
N GLY D 84 -27.49 -11.80 19.07
CA GLY D 84 -28.28 -13.03 19.07
C GLY D 84 -28.35 -13.73 17.73
N LEU D 85 -27.33 -13.51 16.88
CA LEU D 85 -27.26 -14.14 15.57
C LEU D 85 -26.22 -15.26 15.53
N ASP D 86 -26.35 -16.11 14.51
CA ASP D 86 -25.38 -17.13 14.17
C ASP D 86 -24.89 -16.84 12.74
N LEU D 87 -23.80 -16.09 12.64
CA LEU D 87 -23.28 -15.64 11.35
C LEU D 87 -22.11 -16.49 10.88
N GLN D 88 -22.17 -16.91 9.62
CA GLN D 88 -21.07 -17.59 8.95
C GLN D 88 -20.71 -16.84 7.68
N TYR D 89 -19.54 -17.14 7.14
CA TYR D 89 -18.98 -16.43 5.99
C TYR D 89 -18.53 -17.41 4.93
N ALA D 90 -18.66 -17.01 3.67
CA ALA D 90 -18.10 -17.77 2.57
C ALA D 90 -17.76 -16.82 1.45
N VAL D 91 -16.94 -17.30 0.51
CA VAL D 91 -16.38 -16.49 -0.52
C VAL D 91 -16.91 -16.88 -1.89
N GLN D 92 -17.24 -15.89 -2.71
CA GLN D 92 -17.52 -16.07 -4.14
C GLN D 92 -16.28 -15.57 -4.93
N PRO D 93 -15.46 -16.50 -5.48
CA PRO D 93 -14.20 -16.11 -6.15
C PRO D 93 -14.35 -15.10 -7.28
N SER D 94 -15.44 -15.23 -8.03
CA SER D 94 -15.70 -14.38 -9.19
C SER D 94 -17.19 -14.10 -9.29
N PRO D 95 -17.58 -12.87 -9.66
CA PRO D 95 -19.01 -12.59 -9.77
C PRO D 95 -19.63 -13.27 -11.00
N ASP D 96 -19.90 -14.57 -10.87
CA ASP D 96 -20.41 -15.40 -11.98
C ASP D 96 -21.88 -15.77 -11.77
N GLY D 97 -22.68 -14.81 -11.30
CA GLY D 97 -24.13 -14.99 -11.17
C GLY D 97 -24.61 -15.14 -9.74
N LEU D 98 -25.78 -14.57 -9.46
CA LEU D 98 -26.32 -14.57 -8.09
C LEU D 98 -26.72 -16.00 -7.63
N ALA D 99 -27.10 -16.85 -8.59
CA ALA D 99 -27.52 -18.25 -8.29
C ALA D 99 -26.39 -19.12 -7.74
N GLN D 100 -25.15 -18.73 -8.04
CA GLN D 100 -23.96 -19.33 -7.45
C GLN D 100 -23.97 -19.30 -5.91
N ALA D 101 -24.69 -18.37 -5.32
CA ALA D 101 -24.95 -18.36 -3.87
C ALA D 101 -25.36 -19.72 -3.30
N PHE D 102 -26.19 -20.47 -4.04
CA PHE D 102 -26.71 -21.75 -3.55
C PHE D 102 -25.74 -22.91 -3.64
N LEU D 103 -24.75 -22.78 -4.54
CA LEU D 103 -23.67 -23.76 -4.68
C LEU D 103 -22.63 -23.50 -3.61
N ILE D 104 -22.18 -22.25 -3.52
CA ILE D 104 -21.29 -21.82 -2.44
C ILE D 104 -21.92 -22.08 -1.07
N GLY D 105 -23.24 -21.89 -0.98
CA GLY D 105 -23.97 -22.04 0.27
C GLY D 105 -24.58 -23.41 0.52
N GLU D 106 -24.29 -24.38 -0.34
CA GLU D 106 -24.92 -25.69 -0.25
C GLU D 106 -24.79 -26.34 1.13
N SER D 107 -23.58 -26.38 1.68
CA SER D 107 -23.39 -27.08 2.96
C SER D 107 -24.02 -26.30 4.11
N PHE D 108 -23.97 -24.97 4.04
CA PHE D 108 -24.69 -24.09 4.99
C PHE D 108 -26.21 -24.34 4.98
N ILE D 109 -26.79 -24.38 3.80
CA ILE D 109 -28.23 -24.62 3.65
C ILE D 109 -28.63 -25.99 4.17
N GLY D 110 -27.84 -27.02 3.85
CA GLY D 110 -28.13 -28.38 4.28
C GLY D 110 -29.49 -28.82 3.75
N ASN D 111 -30.34 -29.32 4.62
CA ASN D 111 -31.69 -29.76 4.25
C ASN D 111 -32.78 -28.75 4.65
N ASP D 112 -32.39 -27.53 5.02
CA ASP D 112 -33.34 -26.52 5.51
C ASP D 112 -33.87 -25.61 4.41
N LEU D 113 -34.95 -24.89 4.76
CA LEU D 113 -35.48 -23.84 3.91
C LEU D 113 -34.48 -22.68 3.90
N SER D 114 -34.56 -21.81 2.91
CA SER D 114 -33.65 -20.67 2.86
C SER D 114 -34.30 -19.37 2.38
N ALA D 115 -33.58 -18.27 2.60
CA ALA D 115 -33.93 -16.97 2.08
C ALA D 115 -32.65 -16.31 1.61
N LEU D 116 -32.71 -15.62 0.48
CA LEU D 116 -31.58 -14.88 -0.07
C LEU D 116 -31.95 -13.41 -0.25
N VAL D 117 -31.06 -12.53 0.20
CA VAL D 117 -31.23 -11.07 0.02
C VAL D 117 -29.95 -10.48 -0.59
N LEU D 118 -30.11 -9.57 -1.54
CA LEU D 118 -28.97 -8.89 -2.16
C LEU D 118 -28.45 -7.81 -1.23
N GLY D 119 -27.12 -7.69 -1.16
CA GLY D 119 -26.45 -6.81 -0.18
C GLY D 119 -26.66 -5.32 -0.33
N ASP D 120 -27.11 -4.88 -1.50
CA ASP D 120 -27.34 -3.48 -1.78
C ASP D 120 -28.84 -3.12 -1.98
N ASN D 121 -29.72 -3.96 -1.46
CA ASN D 121 -31.17 -3.73 -1.51
C ASN D 121 -31.69 -3.24 -0.16
N LEU D 122 -32.50 -2.19 -0.24
CA LEU D 122 -33.03 -1.50 0.94
C LEU D 122 -34.55 -1.51 0.85
N TYR D 123 -35.19 -1.86 1.96
CA TYR D 123 -36.66 -1.95 2.04
C TYR D 123 -37.19 -1.14 3.20
N TYR D 124 -38.41 -0.63 3.04
CA TYR D 124 -39.09 0.14 4.08
C TYR D 124 -40.58 0.13 3.87
N GLY D 125 -41.32 -0.10 4.95
CA GLY D 125 -42.73 0.25 5.01
C GLY D 125 -43.55 -0.44 6.08
N HIS D 126 -44.84 -0.10 6.07
CA HIS D 126 -45.76 -0.52 7.09
C HIS D 126 -46.08 -2.00 6.93
N ASP D 127 -46.03 -2.72 8.06
CA ASP D 127 -46.24 -4.19 8.11
C ASP D 127 -45.27 -4.99 7.22
N PHE D 128 -44.06 -4.48 6.98
CA PHE D 128 -43.06 -5.24 6.24
C PHE D 128 -42.80 -6.57 6.97
N HIS D 129 -42.82 -6.53 8.30
CA HIS D 129 -42.72 -7.73 9.14
C HIS D 129 -43.74 -8.81 8.73
N GLU D 130 -44.97 -8.39 8.44
CA GLU D 130 -46.07 -9.30 8.07
C GLU D 130 -45.90 -9.84 6.67
N LEU D 131 -45.52 -8.97 5.74
CA LEU D 131 -45.18 -9.37 4.38
C LEU D 131 -44.06 -10.43 4.34
N LEU D 132 -43.03 -10.28 5.15
CA LEU D 132 -41.94 -11.27 5.17
C LEU D 132 -42.38 -12.57 5.83
N GLY D 133 -43.10 -12.44 6.94
CA GLY D 133 -43.69 -13.58 7.67
C GLY D 133 -44.53 -14.51 6.82
N SER D 134 -45.38 -13.94 5.97
CA SER D 134 -46.22 -14.71 5.05
C SER D 134 -45.41 -15.51 4.02
N ALA D 135 -44.38 -14.89 3.46
CA ALA D 135 -43.47 -15.59 2.55
C ALA D 135 -42.72 -16.72 3.27
N SER D 136 -42.18 -16.45 4.45
CA SER D 136 -41.35 -17.43 5.14
C SER D 136 -42.16 -18.61 5.69
N GLN D 137 -43.44 -18.37 6.00
CA GLN D 137 -44.33 -19.44 6.47
C GLN D 137 -44.70 -20.49 5.41
N ARG D 138 -44.68 -20.12 4.13
CA ARG D 138 -44.81 -21.13 3.05
C ARG D 138 -43.56 -21.99 3.08
N GLN D 139 -43.75 -23.27 3.43
CA GLN D 139 -42.63 -24.19 3.54
C GLN D 139 -42.43 -25.05 2.29
N THR D 140 -43.18 -24.75 1.23
CA THR D 140 -42.97 -25.39 -0.06
C THR D 140 -42.87 -24.31 -1.12
N GLY D 141 -42.16 -24.64 -2.21
CA GLY D 141 -42.03 -23.77 -3.35
C GLY D 141 -41.12 -22.58 -3.07
N ALA D 142 -41.35 -21.52 -3.84
CA ALA D 142 -40.57 -20.30 -3.72
C ALA D 142 -41.48 -19.11 -3.68
N SER D 143 -41.01 -18.03 -3.04
CA SER D 143 -41.76 -16.81 -2.90
C SER D 143 -40.83 -15.62 -3.21
N VAL D 144 -41.27 -14.80 -4.17
CA VAL D 144 -40.61 -13.57 -4.53
C VAL D 144 -41.66 -12.45 -4.51
N PHE D 145 -41.19 -11.22 -4.62
CA PHE D 145 -42.01 -10.02 -4.61
C PHE D 145 -41.81 -9.22 -5.88
N ALA D 146 -42.91 -8.73 -6.44
CA ALA D 146 -42.91 -7.91 -7.64
C ALA D 146 -43.22 -6.47 -7.23
N TYR D 147 -42.49 -5.52 -7.81
CA TYR D 147 -42.58 -4.09 -7.45
C TYR D 147 -42.60 -3.27 -8.72
N HIS D 148 -43.58 -2.38 -8.82
CA HIS D 148 -43.69 -1.52 -9.99
C HIS D 148 -42.49 -0.57 -10.04
N VAL D 149 -41.74 -0.57 -11.14
CA VAL D 149 -40.61 0.36 -11.30
C VAL D 149 -40.67 1.12 -12.61
N LEU D 150 -39.92 2.21 -12.69
CA LEU D 150 -39.82 2.99 -13.92
C LEU D 150 -38.94 2.30 -14.97
N ASP D 151 -37.91 1.56 -14.52
CA ASP D 151 -36.91 1.01 -15.44
C ASP D 151 -36.84 -0.51 -15.34
N PRO D 152 -37.94 -1.20 -15.72
CA PRO D 152 -37.99 -2.66 -15.50
C PRO D 152 -36.90 -3.46 -16.23
N GLU D 153 -36.41 -2.94 -17.35
CA GLU D 153 -35.27 -3.52 -18.10
C GLU D 153 -33.94 -3.74 -17.33
N ARG D 154 -33.76 -3.11 -16.17
CA ARG D 154 -32.59 -3.37 -15.32
C ARG D 154 -32.71 -4.62 -14.45
N TYR D 155 -33.89 -5.24 -14.41
CA TYR D 155 -34.19 -6.31 -13.47
C TYR D 155 -34.80 -7.51 -14.15
N GLY D 156 -34.99 -8.56 -13.35
CA GLY D 156 -35.90 -9.64 -13.70
C GLY D 156 -37.32 -9.10 -13.72
N VAL D 157 -38.03 -9.34 -14.81
CA VAL D 157 -39.34 -8.78 -15.06
C VAL D 157 -40.36 -9.91 -15.04
N VAL D 158 -41.41 -9.74 -14.24
CA VAL D 158 -42.49 -10.73 -14.16
C VAL D 158 -43.68 -10.20 -14.97
N GLU D 159 -44.24 -11.06 -15.80
CA GLU D 159 -45.43 -10.77 -16.62
C GLU D 159 -46.60 -11.49 -16.01
N PHE D 160 -47.72 -10.77 -15.85
CA PHE D 160 -48.95 -11.33 -15.31
C PHE D 160 -50.01 -11.38 -16.39
N ASP D 161 -50.92 -12.35 -16.29
CA ASP D 161 -52.07 -12.45 -17.20
C ASP D 161 -53.22 -11.63 -16.64
N GLN D 162 -54.37 -11.65 -17.32
CA GLN D 162 -55.51 -10.84 -16.90
C GLN D 162 -56.06 -11.17 -15.51
N GLY D 163 -55.84 -12.40 -15.03
CA GLY D 163 -56.21 -12.79 -13.66
C GLY D 163 -55.17 -12.55 -12.57
N GLY D 164 -54.06 -11.88 -12.92
CA GLY D 164 -52.98 -11.64 -11.96
C GLY D 164 -52.00 -12.79 -11.73
N LYS D 165 -52.08 -13.85 -12.51
CA LYS D 165 -51.18 -15.00 -12.39
C LYS D 165 -49.86 -14.73 -13.14
N ALA D 166 -48.73 -15.03 -12.50
CA ALA D 166 -47.41 -14.85 -13.14
C ALA D 166 -47.24 -15.89 -14.25
N ILE D 167 -46.97 -15.42 -15.47
CA ILE D 167 -46.85 -16.29 -16.63
C ILE D 167 -45.45 -16.30 -17.27
N SER D 168 -44.64 -15.25 -17.10
CA SER D 168 -43.23 -15.31 -17.52
C SER D 168 -42.28 -14.48 -16.66
N LEU D 169 -41.00 -14.84 -16.75
CA LEU D 169 -39.91 -14.12 -16.11
C LEU D 169 -38.80 -13.96 -17.12
N GLU D 170 -38.29 -12.74 -17.26
CA GLU D 170 -37.17 -12.45 -18.16
C GLU D 170 -36.16 -11.60 -17.42
N GLU D 171 -34.87 -11.94 -17.57
CA GLU D 171 -33.80 -11.19 -16.95
C GLU D 171 -33.37 -10.06 -17.88
N LYS D 172 -33.54 -8.82 -17.43
CA LYS D 172 -33.10 -7.63 -18.16
C LYS D 172 -33.55 -7.63 -19.62
N PRO D 173 -34.86 -7.76 -19.87
CA PRO D 173 -35.33 -7.81 -21.25
C PRO D 173 -35.20 -6.47 -21.97
N LEU D 174 -34.78 -6.49 -23.23
CA LEU D 174 -34.79 -5.27 -24.05
C LEU D 174 -36.20 -4.73 -24.28
N GLU D 175 -37.19 -5.63 -24.31
CA GLU D 175 -38.61 -5.25 -24.40
C GLU D 175 -39.39 -5.82 -23.23
N PRO D 176 -39.36 -5.11 -22.09
CA PRO D 176 -40.05 -5.64 -20.90
C PRO D 176 -41.54 -5.82 -21.13
N LYS D 177 -42.09 -6.92 -20.64
CA LYS D 177 -43.50 -7.24 -20.80
C LYS D 177 -44.38 -6.55 -19.75
N SER D 178 -43.76 -6.01 -18.70
CA SER D 178 -44.47 -5.19 -17.72
C SER D 178 -43.47 -4.27 -17.04
N ASN D 179 -43.96 -3.50 -16.07
CA ASN D 179 -43.14 -2.65 -15.21
C ASN D 179 -42.90 -3.26 -13.83
N TYR D 180 -43.16 -4.56 -13.69
CA TYR D 180 -42.96 -5.25 -12.43
C TYR D 180 -41.61 -5.93 -12.39
N ALA D 181 -40.73 -5.42 -11.51
CA ALA D 181 -39.41 -6.01 -11.25
C ALA D 181 -39.48 -6.94 -10.05
N VAL D 182 -38.77 -8.07 -10.12
CA VAL D 182 -38.63 -8.99 -9.00
C VAL D 182 -37.57 -8.37 -8.08
N THR D 183 -37.92 -8.12 -6.82
CA THR D 183 -36.98 -7.47 -5.89
C THR D 183 -35.88 -8.45 -5.47
N GLY D 184 -34.84 -7.94 -4.82
CA GLY D 184 -33.70 -8.76 -4.41
C GLY D 184 -33.92 -9.45 -3.08
N LEU D 185 -35.04 -10.15 -2.97
CA LEU D 185 -35.40 -10.89 -1.76
C LEU D 185 -36.17 -12.14 -2.16
N TYR D 186 -35.62 -13.31 -1.83
CA TYR D 186 -36.10 -14.56 -2.38
C TYR D 186 -36.20 -15.62 -1.28
N PHE D 187 -37.32 -16.34 -1.26
CA PHE D 187 -37.56 -17.40 -0.29
C PHE D 187 -37.66 -18.72 -1.05
N TYR D 188 -37.01 -19.76 -0.53
CA TYR D 188 -36.86 -21.04 -1.23
C TYR D 188 -37.02 -22.22 -0.28
N ASP D 189 -37.62 -23.29 -0.79
CA ASP D 189 -37.70 -24.58 -0.08
C ASP D 189 -36.42 -25.40 -0.32
N GLN D 190 -36.47 -26.70 -0.02
CA GLN D 190 -35.32 -27.60 -0.09
C GLN D 190 -34.88 -27.97 -1.50
N GLN D 191 -35.61 -27.55 -2.52
CA GLN D 191 -35.28 -27.86 -3.91
C GLN D 191 -34.21 -26.97 -4.55
N VAL D 192 -33.89 -25.83 -3.93
CA VAL D 192 -33.14 -24.78 -4.61
C VAL D 192 -31.70 -25.16 -4.91
N VAL D 193 -31.06 -25.89 -4.00
CA VAL D 193 -29.67 -26.33 -4.25
C VAL D 193 -29.60 -27.19 -5.52
N ASP D 194 -30.44 -28.21 -5.61
CA ASP D 194 -30.47 -29.10 -6.80
C ASP D 194 -30.93 -28.43 -8.10
N ILE D 195 -31.82 -27.43 -8.02
CA ILE D 195 -32.14 -26.61 -9.19
C ILE D 195 -30.90 -25.84 -9.66
N ALA D 196 -30.22 -25.19 -8.71
CA ALA D 196 -28.99 -24.44 -9.01
C ALA D 196 -27.87 -25.33 -9.59
N ARG D 197 -27.71 -26.53 -9.04
CA ARG D 197 -26.73 -27.51 -9.58
C ARG D 197 -26.94 -27.88 -11.05
N ASP D 198 -28.21 -27.93 -11.50
CA ASP D 198 -28.56 -28.26 -12.88
C ASP D 198 -28.79 -27.06 -13.81
N LEU D 199 -28.36 -25.87 -13.40
CA LEU D 199 -28.35 -24.70 -14.29
C LEU D 199 -27.10 -24.70 -15.17
N LYS D 200 -27.29 -24.28 -16.42
CA LYS D 200 -26.19 -23.93 -17.33
C LYS D 200 -26.00 -22.41 -17.27
N PRO D 201 -24.77 -21.91 -17.46
CA PRO D 201 -24.61 -20.45 -17.55
C PRO D 201 -25.38 -19.83 -18.72
N SER D 202 -25.82 -18.60 -18.54
CA SER D 202 -26.61 -17.86 -19.55
C SER D 202 -25.69 -17.40 -20.70
N PRO D 203 -26.25 -16.69 -21.71
CA PRO D 203 -25.40 -16.03 -22.71
C PRO D 203 -24.29 -15.11 -22.17
N ARG D 204 -24.52 -14.47 -21.03
CA ARG D 204 -23.51 -13.59 -20.39
C ARG D 204 -22.68 -14.28 -19.27
N GLY D 205 -22.54 -15.60 -19.33
CA GLY D 205 -21.63 -16.35 -18.43
C GLY D 205 -21.97 -16.35 -16.94
N GLU D 206 -23.26 -16.22 -16.64
CA GLU D 206 -23.75 -16.10 -15.27
C GLU D 206 -24.76 -17.19 -14.95
N LEU D 207 -24.68 -17.72 -13.72
CA LEU D 207 -25.73 -18.54 -13.16
C LEU D 207 -26.80 -17.57 -12.63
N GLU D 208 -27.93 -17.53 -13.33
CA GLU D 208 -28.95 -16.50 -13.14
C GLU D 208 -29.94 -16.88 -12.04
N ILE D 209 -30.22 -15.96 -11.13
CA ILE D 209 -31.29 -16.14 -10.13
C ILE D 209 -32.68 -16.22 -10.80
N THR D 210 -32.88 -15.46 -11.89
CA THR D 210 -34.12 -15.52 -12.69
C THR D 210 -34.36 -16.93 -13.26
N ASP D 211 -33.28 -17.61 -13.65
CA ASP D 211 -33.36 -19.02 -14.08
C ASP D 211 -33.79 -19.94 -12.94
N VAL D 212 -33.31 -19.70 -11.73
CA VAL D 212 -33.80 -20.46 -10.57
C VAL D 212 -35.31 -20.21 -10.43
N ASN D 213 -35.70 -18.94 -10.50
CA ASN D 213 -37.10 -18.57 -10.29
C ASN D 213 -38.03 -19.11 -11.38
N ARG D 214 -37.57 -19.10 -12.63
CA ARG D 214 -38.33 -19.73 -13.72
C ARG D 214 -38.53 -21.24 -13.52
N ALA D 215 -37.53 -21.93 -12.97
CA ALA D 215 -37.64 -23.38 -12.71
C ALA D 215 -38.78 -23.68 -11.75
N TYR D 216 -38.92 -22.86 -10.70
CA TYR D 216 -40.08 -22.96 -9.80
C TYR D 216 -41.40 -22.59 -10.52
N LEU D 217 -41.38 -21.51 -11.30
CA LEU D 217 -42.56 -21.09 -12.07
C LEU D 217 -43.08 -22.19 -13.00
N GLU D 218 -42.16 -22.84 -13.71
CA GLU D 218 -42.49 -23.96 -14.59
C GLU D 218 -43.13 -25.16 -13.88
N ARG D 219 -42.75 -25.39 -12.62
CA ARG D 219 -43.35 -26.42 -11.76
C ARG D 219 -44.63 -25.93 -11.04
N GLY D 220 -45.11 -24.72 -11.31
CA GLY D 220 -46.23 -24.14 -10.57
C GLY D 220 -46.00 -23.89 -9.09
N GLN D 221 -44.74 -23.72 -8.68
CA GLN D 221 -44.40 -23.53 -7.27
C GLN D 221 -43.72 -22.17 -6.97
N LEU D 222 -43.83 -21.21 -7.88
CA LEU D 222 -43.41 -19.82 -7.60
C LEU D 222 -44.60 -18.97 -7.18
N SER D 223 -44.55 -18.46 -5.97
CA SER D 223 -45.46 -17.41 -5.51
C SER D 223 -44.84 -16.05 -5.85
N VAL D 224 -45.58 -15.22 -6.57
CA VAL D 224 -45.18 -13.85 -6.87
C VAL D 224 -46.18 -12.94 -6.17
N GLU D 225 -45.78 -12.38 -5.04
CA GLU D 225 -46.63 -11.43 -4.33
C GLU D 225 -46.26 -10.00 -4.71
N ILE D 226 -47.26 -9.14 -4.82
CA ILE D 226 -47.03 -7.71 -5.05
C ILE D 226 -46.50 -7.06 -3.77
N MET D 227 -45.36 -6.39 -3.90
CA MET D 227 -44.90 -5.45 -2.91
C MET D 227 -45.48 -4.11 -3.34
N GLY D 228 -46.43 -3.62 -2.54
CA GLY D 228 -47.21 -2.42 -2.91
C GLY D 228 -46.38 -1.14 -3.05
N ARG D 229 -46.96 -0.19 -3.76
CA ARG D 229 -46.38 1.15 -3.94
C ARG D 229 -46.18 1.94 -2.65
N GLY D 230 -46.88 1.54 -1.58
CA GLY D 230 -46.64 2.06 -0.24
C GLY D 230 -45.37 1.61 0.45
N TYR D 231 -44.70 0.59 -0.09
CA TYR D 231 -43.37 0.21 0.35
C TYR D 231 -42.34 0.91 -0.51
N ALA D 232 -41.19 1.26 0.08
CA ALA D 232 -40.03 1.72 -0.65
C ALA D 232 -39.05 0.58 -0.84
N TRP D 233 -38.76 0.23 -2.09
CA TRP D 233 -37.67 -0.68 -2.41
C TRP D 233 -36.66 0.17 -3.18
N LEU D 234 -35.47 0.37 -2.59
CA LEU D 234 -34.40 1.16 -3.19
C LEU D 234 -33.15 0.33 -3.42
N ASP D 235 -32.43 0.74 -4.46
CA ASP D 235 -31.23 0.12 -4.94
C ASP D 235 -30.07 1.06 -4.57
N THR D 236 -28.99 0.54 -4.01
CA THR D 236 -27.83 1.36 -3.63
C THR D 236 -26.58 0.93 -4.41
N GLY D 237 -26.75 0.61 -5.69
CA GLY D 237 -25.67 0.11 -6.52
C GLY D 237 -24.87 1.14 -7.30
N THR D 238 -25.37 2.36 -7.40
CA THR D 238 -24.62 3.48 -8.03
C THR D 238 -24.38 4.58 -7.01
N HIS D 239 -23.42 5.47 -7.29
CA HIS D 239 -23.18 6.65 -6.45
C HIS D 239 -24.46 7.48 -6.28
N ASP D 240 -25.20 7.68 -7.36
CA ASP D 240 -26.46 8.45 -7.32
C ASP D 240 -27.57 7.79 -6.51
N SER D 241 -27.73 6.48 -6.68
CA SER D 241 -28.76 5.74 -5.94
C SER D 241 -28.39 5.63 -4.46
N LEU D 242 -27.11 5.47 -4.16
CA LEU D 242 -26.63 5.42 -2.79
C LEU D 242 -26.93 6.75 -2.09
N LEU D 243 -26.57 7.84 -2.75
CA LEU D 243 -26.90 9.16 -2.25
C LEU D 243 -28.40 9.38 -2.01
N GLU D 244 -29.23 9.01 -2.99
CA GLU D 244 -30.70 9.09 -2.83
C GLU D 244 -31.25 8.27 -1.67
N ALA D 245 -30.70 7.08 -1.49
CA ALA D 245 -31.10 6.20 -0.39
C ALA D 245 -30.74 6.81 0.97
N GLY D 246 -29.55 7.41 1.06
CA GLY D 246 -29.13 8.14 2.24
C GLY D 246 -30.05 9.28 2.66
N GLN D 247 -30.46 10.10 1.69
CA GLN D 247 -31.36 11.23 1.94
CA GLN D 247 -31.36 11.24 1.97
C GLN D 247 -32.74 10.74 2.39
N PHE D 248 -33.19 9.65 1.77
CA PHE D 248 -34.47 9.04 2.09
C PHE D 248 -34.51 8.53 3.54
N ILE D 249 -33.45 7.85 3.96
CA ILE D 249 -33.33 7.35 5.32
C ILE D 249 -33.20 8.51 6.30
N ALA D 250 -32.34 9.46 5.97
CA ALA D 250 -32.13 10.62 6.82
C ALA D 250 -33.43 11.38 7.11
N THR D 251 -34.25 11.57 6.08
CA THR D 251 -35.54 12.24 6.21
C THR D 251 -36.50 11.47 7.15
N LEU D 252 -36.61 10.16 7.00
CA LEU D 252 -37.46 9.37 7.87
C LEU D 252 -36.94 9.39 9.31
N GLU D 253 -35.63 9.16 9.48
CA GLU D 253 -35.04 9.04 10.81
C GLU D 253 -35.11 10.36 11.59
N ASN D 254 -34.80 11.47 10.93
CA ASN D 254 -34.85 12.78 11.59
C ASN D 254 -36.27 13.27 11.87
N ARG D 255 -37.23 12.81 11.07
CA ARG D 255 -38.64 13.10 11.35
C ARG D 255 -39.12 12.37 12.61
N GLN D 256 -38.81 11.08 12.66
CA GLN D 256 -39.39 10.17 13.62
C GLN D 256 -38.64 10.10 14.92
N GLY D 257 -37.34 10.36 14.88
CA GLY D 257 -36.45 10.04 16.01
C GLY D 257 -36.40 8.55 16.25
N LEU D 258 -36.57 7.78 15.17
CA LEU D 258 -36.47 6.31 15.20
C LEU D 258 -35.55 5.94 14.05
N LYS D 259 -34.93 4.78 14.14
CA LYS D 259 -34.03 4.32 13.09
C LYS D 259 -34.71 3.29 12.18
N VAL D 260 -34.24 3.22 10.94
CA VAL D 260 -34.59 2.18 9.99
C VAL D 260 -33.40 1.23 9.95
N ALA D 261 -33.68 -0.06 10.13
CA ALA D 261 -32.67 -1.13 10.00
C ALA D 261 -31.49 -1.01 10.97
N CYS D 262 -31.79 -0.79 12.25
CA CYS D 262 -30.79 -0.85 13.31
C CYS D 262 -30.84 -2.28 13.85
N PRO D 263 -29.81 -3.11 13.54
CA PRO D 263 -29.89 -4.53 13.93
C PRO D 263 -30.05 -4.77 15.43
N GLU D 264 -29.46 -3.91 16.25
CA GLU D 264 -29.57 -4.02 17.71
C GLU D 264 -31.02 -3.88 18.16
N GLU D 265 -31.73 -2.91 17.58
CA GLU D 265 -33.14 -2.74 17.84
C GLU D 265 -33.92 -3.98 17.40
N ILE D 266 -33.71 -4.46 16.18
CA ILE D 266 -34.52 -5.57 15.70
C ILE D 266 -34.32 -6.85 16.56
N ALA D 267 -33.08 -7.12 16.95
CA ALA D 267 -32.75 -8.24 17.83
C ALA D 267 -33.48 -8.15 19.17
N TYR D 268 -33.45 -6.96 19.77
CA TYR D 268 -34.12 -6.66 21.04
C TYR D 268 -35.63 -6.88 20.94
N ARG D 269 -36.24 -6.36 19.88
CA ARG D 269 -37.68 -6.54 19.65
C ARG D 269 -38.05 -7.98 19.34
N GLN D 270 -37.18 -8.70 18.64
CA GLN D 270 -37.34 -10.15 18.46
C GLN D 270 -37.04 -10.99 19.73
N LYS D 271 -36.53 -10.34 20.77
CA LYS D 271 -36.19 -10.96 22.05
C LYS D 271 -35.01 -11.91 21.92
N TRP D 272 -34.19 -11.68 20.90
CA TRP D 272 -32.96 -12.44 20.71
C TRP D 272 -31.87 -11.92 21.64
N ILE D 273 -31.97 -10.65 22.02
CA ILE D 273 -31.13 -10.08 23.07
C ILE D 273 -32.02 -9.39 24.10
N ASP D 274 -31.57 -9.34 25.35
CA ASP D 274 -32.35 -8.74 26.45
C ASP D 274 -31.80 -7.35 26.80
N ALA D 275 -32.50 -6.67 27.71
CA ALA D 275 -32.18 -5.31 28.10
C ALA D 275 -30.74 -5.14 28.62
N ALA D 276 -30.25 -6.11 29.38
CA ALA D 276 -28.87 -6.07 29.87
C ALA D 276 -27.87 -6.16 28.72
N GLN D 277 -28.14 -7.03 27.74
CA GLN D 277 -27.27 -7.12 26.56
C GLN D 277 -27.36 -5.86 25.69
N LEU D 278 -28.58 -5.37 25.46
CA LEU D 278 -28.75 -4.10 24.74
C LEU D 278 -28.01 -2.96 25.44
N GLU D 279 -28.03 -2.94 26.77
CA GLU D 279 -27.28 -1.94 27.54
C GLU D 279 -25.75 -2.08 27.41
N LYS D 280 -25.24 -3.31 27.34
CA LYS D 280 -23.82 -3.53 27.07
C LYS D 280 -23.42 -2.99 25.68
N LEU D 281 -24.23 -3.29 24.68
CA LEU D 281 -24.00 -2.80 23.30
C LEU D 281 -24.02 -1.26 23.18
N ALA D 282 -24.92 -0.60 23.93
CA ALA D 282 -25.01 0.86 23.93
C ALA D 282 -23.77 1.56 24.48
N ALA D 283 -23.14 0.95 25.50
CA ALA D 283 -21.99 1.55 26.21
C ALA D 283 -20.84 2.13 25.34
N PRO D 284 -20.20 1.31 24.48
CA PRO D 284 -19.14 1.86 23.62
C PRO D 284 -19.58 2.88 22.55
N LEU D 285 -20.89 2.97 22.29
CA LEU D 285 -21.46 3.97 21.37
C LEU D 285 -22.17 5.10 22.13
N ALA D 286 -21.99 5.18 23.45
CA ALA D 286 -22.78 6.09 24.30
C ALA D 286 -22.50 7.57 24.05
N LYS D 287 -21.30 7.88 23.54
CA LYS D 287 -20.90 9.25 23.21
C LYS D 287 -21.54 9.82 21.93
N ASN D 288 -22.13 8.96 21.10
CA ASN D 288 -22.85 9.41 19.90
C ASN D 288 -24.34 9.11 19.99
N GLY D 289 -25.10 9.64 19.03
CA GLY D 289 -26.55 9.47 18.94
C GLY D 289 -27.05 8.04 18.78
N TYR D 290 -26.21 7.14 18.24
CA TYR D 290 -26.59 5.74 18.03
C TYR D 290 -26.67 4.95 19.35
N GLY D 291 -25.65 5.06 20.22
CA GLY D 291 -25.73 4.49 21.57
C GLY D 291 -26.80 5.14 22.44
N GLN D 292 -26.88 6.47 22.36
CA GLN D 292 -27.97 7.23 23.00
C GLN D 292 -29.33 6.69 22.55
N TYR D 293 -29.46 6.36 21.26
CA TYR D 293 -30.68 5.71 20.75
C TYR D 293 -30.86 4.31 21.35
N LEU D 294 -29.79 3.49 21.36
CA LEU D 294 -29.87 2.16 21.99
C LEU D 294 -30.29 2.23 23.46
N LYS D 295 -29.78 3.24 24.18
CA LYS D 295 -30.10 3.46 25.57
C LYS D 295 -31.56 3.87 25.75
N ARG D 296 -32.04 4.81 24.93
CA ARG D 296 -33.46 5.21 24.94
C ARG D 296 -34.39 4.03 24.69
N LEU D 297 -33.99 3.09 23.82
CA LEU D 297 -34.81 1.92 23.55
C LEU D 297 -35.16 1.10 24.78
N LEU D 298 -34.29 1.13 25.81
CA LEU D 298 -34.52 0.43 27.08
C LEU D 298 -35.66 1.02 27.90
N THR D 299 -35.86 2.34 27.83
CA THR D 299 -36.88 3.04 28.64
C THR D 299 -38.12 3.55 27.90
N GLU D 300 -38.09 3.59 26.57
CA GLU D 300 -39.21 4.12 25.79
C GLU D 300 -40.08 3.02 25.17
N THR D 301 -41.40 3.12 25.36
CA THR D 301 -42.36 2.30 24.64
C THR D 301 -42.50 2.88 23.23
N VAL D 302 -42.22 2.06 22.22
CA VAL D 302 -42.40 2.44 20.80
C VAL D 302 -43.32 1.39 20.18
N TYR D 303 -44.46 1.85 19.68
CA TYR D 303 -45.48 0.98 19.10
C TYR D 303 -45.16 0.68 17.64
#